data_3DNC
# 
_entry.id   3DNC 
# 
_audit_conform.dict_name       mmcif_pdbx.dic 
_audit_conform.dict_version    5.377 
_audit_conform.dict_location   http://mmcif.pdb.org/dictionaries/ascii/mmcif_pdbx.dic 
# 
loop_
_database_2.database_id 
_database_2.database_code 
_database_2.pdbx_database_accession 
_database_2.pdbx_DOI 
PDB   3DNC         pdb_00003dnc 10.2210/pdb3dnc/pdb 
RCSB  RCSB048251   ?            ?                   
WWPDB D_1000048251 ?            ?                   
# 
loop_
_pdbx_database_related.db_name 
_pdbx_database_related.db_id 
_pdbx_database_related.details 
_pdbx_database_related.content_type 
PDB 3BN4 'Carboxysome subunit, CcmK1'                                  unspecified 
PDB 3DN9 'Carboxysome subunit, CcmK1 C-terminal deletion mutant'       unspecified 
PDB 3CIM 'Carboxysome shell protein, CcmK2 C-terminal deletion mutant' unspecified 
PDB 2A1B 'Carboxysome shell protein, CcmK2'                            unspecified 
PDB 2A10 'Carboxysome shell protein, CcmK4'                            unspecified 
PDB 2A18 'Carboxysome shell protein, CcmK4, crystal form 2'            unspecified 
# 
_pdbx_database_status.entry_id                        3DNC 
_pdbx_database_status.deposit_site                    RCSB 
_pdbx_database_status.process_site                    RCSB 
_pdbx_database_status.recvd_initial_deposition_date   2008-07-01 
_pdbx_database_status.status_code                     REL 
_pdbx_database_status.status_code_sf                  REL 
_pdbx_database_status.status_code_mr                  ? 
_pdbx_database_status.SG_entry                        ? 
_pdbx_database_status.pdb_format_compatible           Y 
_pdbx_database_status.status_code_cs                  ? 
_pdbx_database_status.methods_development_category    ? 
_pdbx_database_status.status_code_nmr_data            ? 
# 
loop_
_audit_author.name 
_audit_author.pdbx_ordinal 
'Tanaka, S.'   1 
'Sawaya, M.R.' 2 
'Yeates, T.O.' 3 
# 
_citation.id                        primary 
_citation.title                     'Insights from multiple structures of the shell proteins from the beta-carboxysome.' 
_citation.journal_abbrev            'Protein Sci.' 
_citation.journal_volume            18 
_citation.page_first                108 
_citation.page_last                 120 
_citation.year                      2009 
_citation.journal_id_ASTM           PRCIEI 
_citation.country                   US 
_citation.journal_id_ISSN           0961-8368 
_citation.journal_id_CSD            0795 
_citation.book_publisher            ? 
_citation.pdbx_database_id_PubMed   19177356 
_citation.pdbx_database_id_DOI      10.1002/pro.14 
# 
loop_
_citation_author.citation_id 
_citation_author.name 
_citation_author.ordinal 
_citation_author.identifier_ORCID 
primary 'Tanaka, S.'   1 ? 
primary 'Sawaya, M.R.' 2 ? 
primary 'Phillips, M.' 3 ? 
primary 'Yeates, T.O.' 4 ? 
# 
_cell.entry_id           3DNC 
_cell.length_a           67.362 
_cell.length_b           67.362 
_cell.length_c           29.034 
_cell.angle_alpha        90.000 
_cell.angle_beta         90.000 
_cell.angle_gamma        120.000 
_cell.pdbx_unique_axis   ? 
_cell.Z_PDB              6 
_cell.length_a_esd       ? 
_cell.length_b_esd       ? 
_cell.length_c_esd       ? 
_cell.angle_alpha_esd    ? 
_cell.angle_beta_esd     ? 
_cell.angle_gamma_esd    ? 
# 
_symmetry.entry_id                         3DNC 
_symmetry.Int_Tables_number                168 
_symmetry.space_group_name_H-M             'P 6' 
_symmetry.pdbx_full_space_group_name_H-M   ? 
_symmetry.cell_setting                     ? 
_symmetry.space_group_name_Hall            ? 
# 
loop_
_entity.id 
_entity.type 
_entity.src_method 
_entity.pdbx_description 
_entity.formula_weight 
_entity.pdbx_number_of_molecules 
_entity.pdbx_ec 
_entity.pdbx_mutation 
_entity.pdbx_fragment 
_entity.details 
1 polymer     man 'Carbon dioxide-concentrating mechanism protein ccmK homolog 2' 10613.096 1  ? ? 
'C-terminal (UNP residues 92-103) deletion' ? 
2 non-polymer syn 'SULFATE ION'                                                   96.063    2  ? ? ? ? 
3 non-polymer syn GLYCEROL                                                        92.094    1  ? ? ? ? 
4 water       nat water                                                           18.015    40 ? ? ? ? 
# 
_entity_poly.entity_id                      1 
_entity_poly.type                           'polypeptide(L)' 
_entity_poly.nstd_linkage                   no 
_entity_poly.nstd_monomer                   no 
_entity_poly.pdbx_seq_one_letter_code       
;MSIAVGMIETRGFPAVVEAADSMVKAARVTLVGYEKIGSGRVTVIVRGDVSEVQASVSAGIEAANRVNGGEVLSTHIIAR
PHENLEYVLPILEHHHHHH
;
_entity_poly.pdbx_seq_one_letter_code_can   
;MSIAVGMIETRGFPAVVEAADSMVKAARVTLVGYEKIGSGRVTVIVRGDVSEVQASVSAGIEAANRVNGGEVLSTHIIAR
PHENLEYVLPILEHHHHHH
;
_entity_poly.pdbx_strand_id                 A 
_entity_poly.pdbx_target_identifier         ? 
# 
loop_
_entity_poly_seq.entity_id 
_entity_poly_seq.num 
_entity_poly_seq.mon_id 
_entity_poly_seq.hetero 
1 1  MET n 
1 2  SER n 
1 3  ILE n 
1 4  ALA n 
1 5  VAL n 
1 6  GLY n 
1 7  MET n 
1 8  ILE n 
1 9  GLU n 
1 10 THR n 
1 11 ARG n 
1 12 GLY n 
1 13 PHE n 
1 14 PRO n 
1 15 ALA n 
1 16 VAL n 
1 17 VAL n 
1 18 GLU n 
1 19 ALA n 
1 20 ALA n 
1 21 ASP n 
1 22 SER n 
1 23 MET n 
1 24 VAL n 
1 25 LYS n 
1 26 ALA n 
1 27 ALA n 
1 28 ARG n 
1 29 VAL n 
1 30 THR n 
1 31 LEU n 
1 32 VAL n 
1 33 GLY n 
1 34 TYR n 
1 35 GLU n 
1 36 LYS n 
1 37 ILE n 
1 38 GLY n 
1 39 SER n 
1 40 GLY n 
1 41 ARG n 
1 42 VAL n 
1 43 THR n 
1 44 VAL n 
1 45 ILE n 
1 46 VAL n 
1 47 ARG n 
1 48 GLY n 
1 49 ASP n 
1 50 VAL n 
1 51 SER n 
1 52 GLU n 
1 53 VAL n 
1 54 GLN n 
1 55 ALA n 
1 56 SER n 
1 57 VAL n 
1 58 SER n 
1 59 ALA n 
1 60 GLY n 
1 61 ILE n 
1 62 GLU n 
1 63 ALA n 
1 64 ALA n 
1 65 ASN n 
1 66 ARG n 
1 67 VAL n 
1 68 ASN n 
1 69 GLY n 
1 70 GLY n 
1 71 GLU n 
1 72 VAL n 
1 73 LEU n 
1 74 SER n 
1 75 THR n 
1 76 HIS n 
1 77 ILE n 
1 78 ILE n 
1 79 ALA n 
1 80 ARG n 
1 81 PRO n 
1 82 HIS n 
1 83 GLU n 
1 84 ASN n 
1 85 LEU n 
1 86 GLU n 
1 87 TYR n 
1 88 VAL n 
1 89 LEU n 
1 90 PRO n 
1 91 ILE n 
1 92 LEU n 
1 93 GLU n 
1 94 HIS n 
1 95 HIS n 
1 96 HIS n 
1 97 HIS n 
1 98 HIS n 
1 99 HIS n 
# 
_entity_src_gen.entity_id                          1 
_entity_src_gen.pdbx_src_id                        1 
_entity_src_gen.pdbx_alt_source_flag               sample 
_entity_src_gen.pdbx_seq_type                      ? 
_entity_src_gen.pdbx_beg_seq_num                   ? 
_entity_src_gen.pdbx_end_seq_num                   ? 
_entity_src_gen.gene_src_common_name               ? 
_entity_src_gen.gene_src_genus                     ? 
_entity_src_gen.pdbx_gene_src_gene                 'ccmK2, sll1028' 
_entity_src_gen.gene_src_species                   ? 
_entity_src_gen.gene_src_strain                    'PCC 6803' 
_entity_src_gen.gene_src_tissue                    ? 
_entity_src_gen.gene_src_tissue_fraction           ? 
_entity_src_gen.gene_src_details                   ? 
_entity_src_gen.pdbx_gene_src_fragment             ? 
_entity_src_gen.pdbx_gene_src_scientific_name      'Synechocystis sp.' 
_entity_src_gen.pdbx_gene_src_ncbi_taxonomy_id     1148 
_entity_src_gen.pdbx_gene_src_variant              ? 
_entity_src_gen.pdbx_gene_src_cell_line            ? 
_entity_src_gen.pdbx_gene_src_atcc                 ? 
_entity_src_gen.pdbx_gene_src_organ                ? 
_entity_src_gen.pdbx_gene_src_organelle            ? 
_entity_src_gen.pdbx_gene_src_cell                 ? 
_entity_src_gen.pdbx_gene_src_cellular_location    ? 
_entity_src_gen.host_org_common_name               ? 
_entity_src_gen.pdbx_host_org_scientific_name      'Escherichia coli' 
_entity_src_gen.pdbx_host_org_ncbi_taxonomy_id     562 
_entity_src_gen.host_org_genus                     ? 
_entity_src_gen.pdbx_host_org_gene                 ? 
_entity_src_gen.pdbx_host_org_organ                ? 
_entity_src_gen.host_org_species                   ? 
_entity_src_gen.pdbx_host_org_tissue               ? 
_entity_src_gen.pdbx_host_org_tissue_fraction      ? 
_entity_src_gen.pdbx_host_org_strain               'BL21(DE3)Gold' 
_entity_src_gen.pdbx_host_org_variant              ? 
_entity_src_gen.pdbx_host_org_cell_line            ? 
_entity_src_gen.pdbx_host_org_atcc                 ? 
_entity_src_gen.pdbx_host_org_culture_collection   ? 
_entity_src_gen.pdbx_host_org_cell                 ? 
_entity_src_gen.pdbx_host_org_organelle            ? 
_entity_src_gen.pdbx_host_org_cellular_location    ? 
_entity_src_gen.pdbx_host_org_vector_type          plasmid 
_entity_src_gen.pdbx_host_org_vector               ? 
_entity_src_gen.host_org_details                   ? 
_entity_src_gen.expression_system_id               ? 
_entity_src_gen.plasmid_name                       pET22b 
_entity_src_gen.plasmid_details                    ? 
_entity_src_gen.pdbx_description                   ? 
# 
_struct_ref.id                         1 
_struct_ref.db_name                    UNP 
_struct_ref.db_code                    CCMK2_SYNY3 
_struct_ref.pdbx_db_accession          P72761 
_struct_ref.entity_id                  1 
_struct_ref.pdbx_seq_one_letter_code   
;MSIAVGMIETRGFPAVVEAADSMVKAARVTLVGYEKIGSGRVTVIVRGDVSEVQASVSAGIEAANRVNGGEVLSTHIIAR
PHENLEYVLPI
;
_struct_ref.pdbx_align_begin           1 
_struct_ref.pdbx_db_isoform            ? 
# 
_struct_ref_seq.align_id                      1 
_struct_ref_seq.ref_id                        1 
_struct_ref_seq.pdbx_PDB_id_code              3DNC 
_struct_ref_seq.pdbx_strand_id                A 
_struct_ref_seq.seq_align_beg                 1 
_struct_ref_seq.pdbx_seq_align_beg_ins_code   ? 
_struct_ref_seq.seq_align_end                 91 
_struct_ref_seq.pdbx_seq_align_end_ins_code   ? 
_struct_ref_seq.pdbx_db_accession             P72761 
_struct_ref_seq.db_align_beg                  1 
_struct_ref_seq.pdbx_db_align_beg_ins_code    ? 
_struct_ref_seq.db_align_end                  91 
_struct_ref_seq.pdbx_db_align_end_ins_code    ? 
_struct_ref_seq.pdbx_auth_seq_align_beg       1 
_struct_ref_seq.pdbx_auth_seq_align_end       91 
# 
loop_
_struct_ref_seq_dif.align_id 
_struct_ref_seq_dif.pdbx_pdb_id_code 
_struct_ref_seq_dif.mon_id 
_struct_ref_seq_dif.pdbx_pdb_strand_id 
_struct_ref_seq_dif.seq_num 
_struct_ref_seq_dif.pdbx_pdb_ins_code 
_struct_ref_seq_dif.pdbx_seq_db_name 
_struct_ref_seq_dif.pdbx_seq_db_accession_code 
_struct_ref_seq_dif.db_mon_id 
_struct_ref_seq_dif.pdbx_seq_db_seq_num 
_struct_ref_seq_dif.details 
_struct_ref_seq_dif.pdbx_auth_seq_num 
_struct_ref_seq_dif.pdbx_ordinal 
1 3DNC LEU A 92 ? UNP P72761 ? ? 'expression tag' 92 1 
1 3DNC GLU A 93 ? UNP P72761 ? ? 'expression tag' 93 2 
1 3DNC HIS A 94 ? UNP P72761 ? ? 'expression tag' 94 3 
1 3DNC HIS A 95 ? UNP P72761 ? ? 'expression tag' 95 4 
1 3DNC HIS A 96 ? UNP P72761 ? ? 'expression tag' 96 5 
1 3DNC HIS A 97 ? UNP P72761 ? ? 'expression tag' 97 6 
1 3DNC HIS A 98 ? UNP P72761 ? ? 'expression tag' 98 7 
1 3DNC HIS A 99 ? UNP P72761 ? ? 'expression tag' 99 8 
# 
loop_
_chem_comp.id 
_chem_comp.type 
_chem_comp.mon_nstd_flag 
_chem_comp.name 
_chem_comp.pdbx_synonyms 
_chem_comp.formula 
_chem_comp.formula_weight 
ALA 'L-peptide linking' y ALANINE         ?                               'C3 H7 N O2'     89.093  
ARG 'L-peptide linking' y ARGININE        ?                               'C6 H15 N4 O2 1' 175.209 
ASN 'L-peptide linking' y ASPARAGINE      ?                               'C4 H8 N2 O3'    132.118 
ASP 'L-peptide linking' y 'ASPARTIC ACID' ?                               'C4 H7 N O4'     133.103 
GLN 'L-peptide linking' y GLUTAMINE       ?                               'C5 H10 N2 O3'   146.144 
GLU 'L-peptide linking' y 'GLUTAMIC ACID' ?                               'C5 H9 N O4'     147.129 
GLY 'peptide linking'   y GLYCINE         ?                               'C2 H5 N O2'     75.067  
GOL non-polymer         . GLYCEROL        'GLYCERIN; PROPANE-1,2,3-TRIOL' 'C3 H8 O3'       92.094  
HIS 'L-peptide linking' y HISTIDINE       ?                               'C6 H10 N3 O2 1' 156.162 
HOH non-polymer         . WATER           ?                               'H2 O'           18.015  
ILE 'L-peptide linking' y ISOLEUCINE      ?                               'C6 H13 N O2'    131.173 
LEU 'L-peptide linking' y LEUCINE         ?                               'C6 H13 N O2'    131.173 
LYS 'L-peptide linking' y LYSINE          ?                               'C6 H15 N2 O2 1' 147.195 
MET 'L-peptide linking' y METHIONINE      ?                               'C5 H11 N O2 S'  149.211 
PHE 'L-peptide linking' y PHENYLALANINE   ?                               'C9 H11 N O2'    165.189 
PRO 'L-peptide linking' y PROLINE         ?                               'C5 H9 N O2'     115.130 
SER 'L-peptide linking' y SERINE          ?                               'C3 H7 N O3'     105.093 
SO4 non-polymer         . 'SULFATE ION'   ?                               'O4 S -2'        96.063  
THR 'L-peptide linking' y THREONINE       ?                               'C4 H9 N O3'     119.119 
TYR 'L-peptide linking' y TYROSINE        ?                               'C9 H11 N O3'    181.189 
VAL 'L-peptide linking' y VALINE          ?                               'C5 H11 N O2'    117.146 
# 
_exptl.crystals_number   1 
_exptl.entry_id          3DNC 
_exptl.method            'X-RAY DIFFRACTION' 
# 
_exptl_crystal.id                    1 
_exptl_crystal.density_Matthews      1.79 
_exptl_crystal.density_meas          ? 
_exptl_crystal.density_percent_sol   31.35 
_exptl_crystal.description           ? 
_exptl_crystal.F_000                 ? 
_exptl_crystal.preparation           ? 
# 
_exptl_crystal_grow.crystal_id      1 
_exptl_crystal_grow.method          'VAPOR DIFFUSION, HANGING DROP' 
_exptl_crystal_grow.pH              9.5 
_exptl_crystal_grow.temp            298 
_exptl_crystal_grow.pdbx_details    
'0.1M CHES, 1.26M ammonium sulfate, 0.15M NaCl, pH 9.5, VAPOR DIFFUSION, HANGING DROP, temperature 298K' 
_exptl_crystal_grow.temp_details    ? 
_exptl_crystal_grow.pdbx_pH_range   . 
# 
_diffrn.id                     1 
_diffrn.ambient_temp           100 
_diffrn.ambient_temp_details   ? 
_diffrn.crystal_id             1 
# 
_diffrn_detector.diffrn_id              1 
_diffrn_detector.detector               'IMAGE PLATE' 
_diffrn_detector.type                   'RIGAKU RAXIS IV++' 
_diffrn_detector.pdbx_collection_date   2007-10-09 
_diffrn_detector.details                ? 
# 
_diffrn_radiation.diffrn_id                        1 
_diffrn_radiation.pdbx_diffrn_protocol             'SINGLE WAVELENGTH' 
_diffrn_radiation.monochromator                    ? 
_diffrn_radiation.wavelength_id                    1 
_diffrn_radiation.pdbx_monochromatic_or_laue_m_l   M 
_diffrn_radiation.pdbx_scattering_type             x-ray 
# 
_diffrn_radiation_wavelength.id           1 
_diffrn_radiation_wavelength.wavelength   1.5418 
_diffrn_radiation_wavelength.wt           1.0 
# 
_diffrn_source.diffrn_id                   1 
_diffrn_source.source                      'ROTATING ANODE' 
_diffrn_source.type                        'RIGAKU FR-D' 
_diffrn_source.pdbx_wavelength_list        1.5418 
_diffrn_source.pdbx_wavelength             ? 
_diffrn_source.pdbx_synchrotron_site       ? 
_diffrn_source.pdbx_synchrotron_beamline   ? 
# 
_reflns.entry_id                     3DNC 
_reflns.d_resolution_high            2.050 
_reflns.d_resolution_low             80.000 
_reflns.number_obs                   4371 
_reflns.pdbx_Rmerge_I_obs            0.152 
_reflns.pdbx_netI_over_sigmaI        7.800 
_reflns.pdbx_chi_squared             1.009 
_reflns.pdbx_redundancy              7.100 
_reflns.percent_possible_obs         89.200 
_reflns.observed_criterion_sigma_F   ? 
_reflns.observed_criterion_sigma_I   ? 
_reflns.number_all                   ? 
_reflns.pdbx_Rsym_value              ? 
_reflns.B_iso_Wilson_estimate        ? 
_reflns.R_free_details               ? 
_reflns.limit_h_max                  ? 
_reflns.limit_h_min                  ? 
_reflns.limit_k_max                  ? 
_reflns.limit_k_min                  ? 
_reflns.limit_l_max                  ? 
_reflns.limit_l_min                  ? 
_reflns.observed_criterion_F_max     ? 
_reflns.observed_criterion_F_min     ? 
_reflns.pdbx_scaling_rejects         ? 
_reflns.pdbx_ordinal                 1 
_reflns.pdbx_diffrn_id               1 
# 
loop_
_reflns_shell.d_res_high 
_reflns_shell.d_res_low 
_reflns_shell.number_measured_obs 
_reflns_shell.number_measured_all 
_reflns_shell.number_unique_obs 
_reflns_shell.Rmerge_I_obs 
_reflns_shell.meanI_over_sigI_obs 
_reflns_shell.pdbx_Rsym_value 
_reflns_shell.pdbx_chi_squared 
_reflns_shell.pdbx_redundancy 
_reflns_shell.percent_possible_obs 
_reflns_shell.number_unique_all 
_reflns_shell.percent_possible_all 
_reflns_shell.pdbx_ordinal 
_reflns_shell.pdbx_diffrn_id 
2.05 2.12  ? ? ? 0.456 ? ? 0.943 7.40 ? 469 99.80  1  1 
2.12 2.21  ? ? ? 0.354 ? ? 0.992 7.50 ? 490 100.00 2  1 
2.21 2.31  ? ? ? 0.302 ? ? 1.003 7.50 ? 483 100.00 3  1 
2.31 2.43  ? ? ? 0.239 ? ? 0.998 7.40 ? 487 99.60  4  1 
2.43 2.58  ? ? ? 0.198 ? ? 1.029 7.30 ? 473 99.00  5  1 
2.58 2.78  ? ? ? 0.166 ? ? 1.092 7.20 ? 478 98.60  6  1 
2.78 3.06  ? ? ? 0.136 ? ? 1.032 7.00 ? 471 94.40  7  1 
3.06 3.51  ? ? ? 0.122 ? ? 0.997 6.60 ? 404 83.60  8  1 
3.51 4.42  ? ? ? 0.124 ? ? 1.020 6.40 ? 307 61.60  9  1 
4.42 80.00 ? ? ? 0.122 ? ? 0.965 5.90 ? 309 58.70  10 1 
# 
_refine.entry_id                                 3DNC 
_refine.ls_d_res_high                            2.050 
_refine.ls_d_res_low                             58.320 
_refine.pdbx_ls_sigma_F                          0.00 
_refine.ls_percent_reflns_obs                    89.200 
_refine.ls_number_reflns_obs                     4369 
_refine.pdbx_ls_cross_valid_method               THROUGHOUT 
_refine.pdbx_R_Free_selection_details            RANDOM 
_refine.details                                  'HYDROGENS HAVE BEEN ADDED IN THE RIDING POSITIONS' 
_refine.ls_R_factor_obs                          0.224 
_refine.ls_R_factor_R_work                       0.222 
_refine.ls_R_factor_R_free                       0.278 
_refine.ls_percent_reflns_R_free                 4.700 
_refine.ls_number_reflns_R_free                  204 
_refine.B_iso_mean                               51.995 
_refine.aniso_B[1][1]                            0.080 
_refine.aniso_B[2][2]                            0.080 
_refine.aniso_B[3][3]                            -0.120 
_refine.aniso_B[1][2]                            0.040 
_refine.aniso_B[1][3]                            0.000 
_refine.aniso_B[2][3]                            0.000 
_refine.correlation_coeff_Fo_to_Fc               0.912 
_refine.correlation_coeff_Fo_to_Fc_free          0.884 
_refine.pdbx_overall_ESU_R                       0.365 
_refine.pdbx_overall_ESU_R_Free                  0.251 
_refine.overall_SU_ML                            0.148 
_refine.overall_SU_B                             11.831 
_refine.solvent_model_details                    MASK 
_refine.pdbx_solvent_vdw_probe_radii             1.400 
_refine.pdbx_solvent_ion_probe_radii             0.800 
_refine.pdbx_solvent_shrinkage_radii             0.800 
_refine.pdbx_method_to_determine_struct          'MOLECULAR REPLACEMENT' 
_refine.pdbx_stereochemistry_target_values       'MAXIMUM LIKELIHOOD' 
_refine.overall_FOM_work_R_set                   0.803 
_refine.B_iso_max                                118.60 
_refine.B_iso_min                                26.63 
_refine.occupancy_max                            1.00 
_refine.occupancy_min                            0.50 
_refine.pdbx_ls_sigma_I                          ? 
_refine.ls_number_reflns_all                     ? 
_refine.ls_R_factor_all                          ? 
_refine.ls_redundancy_reflns_obs                 ? 
_refine.pdbx_data_cutoff_high_absF               ? 
_refine.pdbx_data_cutoff_low_absF                ? 
_refine.ls_number_parameters                     ? 
_refine.ls_number_restraints                     ? 
_refine.ls_R_factor_R_free_error                 ? 
_refine.ls_R_factor_R_free_error_details         ? 
_refine.pdbx_starting_model                      'PDB entry 2A1B' 
_refine.pdbx_stereochem_target_val_spec_case     ? 
_refine.solvent_model_param_bsol                 ? 
_refine.solvent_model_param_ksol                 ? 
_refine.pdbx_isotropic_thermal_model             ? 
_refine.overall_SU_R_Cruickshank_DPI             ? 
_refine.overall_SU_R_free                        ? 
_refine.pdbx_data_cutoff_high_rms_absF           ? 
_refine.ls_wR_factor_R_free                      ? 
_refine.ls_wR_factor_R_work                      ? 
_refine.overall_FOM_free_R_set                   ? 
_refine.pdbx_overall_phase_error                 ? 
_refine.pdbx_refine_id                           'X-RAY DIFFRACTION' 
_refine.pdbx_TLS_residual_ADP_flag               'LIKELY RESIDUAL' 
_refine.pdbx_diffrn_id                           1 
_refine.pdbx_overall_SU_R_free_Cruickshank_DPI   ? 
_refine.pdbx_overall_SU_R_Blow_DPI               ? 
_refine.pdbx_overall_SU_R_free_Blow_DPI          ? 
# 
_refine_hist.pdbx_refine_id                   'X-RAY DIFFRACTION' 
_refine_hist.cycle_id                         LAST 
_refine_hist.pdbx_number_atoms_protein        661 
_refine_hist.pdbx_number_atoms_nucleic_acid   0 
_refine_hist.pdbx_number_atoms_ligand         16 
_refine_hist.number_atoms_solvent             40 
_refine_hist.number_atoms_total               717 
_refine_hist.d_res_high                       2.050 
_refine_hist.d_res_low                        58.320 
# 
loop_
_refine_ls_restr.type 
_refine_ls_restr.number 
_refine_ls_restr.dev_ideal 
_refine_ls_restr.dev_ideal_target 
_refine_ls_restr.weight 
_refine_ls_restr.pdbx_refine_id 
_refine_ls_restr.pdbx_restraint_function 
r_bond_refined_d       694  0.007  0.022  ? 'X-RAY DIFFRACTION' ? 
r_bond_other_d         457  0.001  0.020  ? 'X-RAY DIFFRACTION' ? 
r_angle_refined_deg    944  1.022  1.983  ? 'X-RAY DIFFRACTION' ? 
r_angle_other_deg      1118 0.891  3.000  ? 'X-RAY DIFFRACTION' ? 
r_dihedral_angle_1_deg 93   4.935  5.000  ? 'X-RAY DIFFRACTION' ? 
r_dihedral_angle_2_deg 26   26.379 22.692 ? 'X-RAY DIFFRACTION' ? 
r_dihedral_angle_3_deg 115  16.081 15.000 ? 'X-RAY DIFFRACTION' ? 
r_dihedral_angle_4_deg 7    20.295 15.000 ? 'X-RAY DIFFRACTION' ? 
r_chiral_restr         115  0.059  0.200  ? 'X-RAY DIFFRACTION' ? 
r_gen_planes_refined   766  0.002  0.020  ? 'X-RAY DIFFRACTION' ? 
r_gen_planes_other     133  0.001  0.020  ? 'X-RAY DIFFRACTION' ? 
r_mcbond_it            449  1.091  2.000  ? 'X-RAY DIFFRACTION' ? 
r_mcbond_other         187  0.211  2.000  ? 'X-RAY DIFFRACTION' ? 
r_mcangle_it           727  1.768  3.000  ? 'X-RAY DIFFRACTION' ? 
r_scbond_it            245  1.200  2.000  ? 'X-RAY DIFFRACTION' ? 
r_scangle_it           215  1.890  3.000  ? 'X-RAY DIFFRACTION' ? 
# 
_refine_ls_shell.d_res_high                       2.047 
_refine_ls_shell.d_res_low                        2.100 
_refine_ls_shell.pdbx_total_number_of_bins_used   20 
_refine_ls_shell.percent_reflns_obs               99.720 
_refine_ls_shell.number_reflns_R_work             339 
_refine_ls_shell.R_factor_all                     ? 
_refine_ls_shell.R_factor_R_work                  0.299 
_refine_ls_shell.R_factor_R_free                  0.411 
_refine_ls_shell.percent_reflns_R_free            ? 
_refine_ls_shell.number_reflns_R_free             19 
_refine_ls_shell.R_factor_R_free_error            ? 
_refine_ls_shell.number_reflns_all                358 
_refine_ls_shell.number_reflns_obs                ? 
_refine_ls_shell.redundancy_reflns_obs            ? 
_refine_ls_shell.pdbx_refine_id                   'X-RAY DIFFRACTION' 
# 
_struct.entry_id                  3DNC 
_struct.title                     
'Carboxysome shell protein, CcmK2 C-terminal deletion mutant, with a closer spacing between hexamers' 
_struct.pdbx_model_details        ? 
_struct.pdbx_CASP_flag            ? 
_struct.pdbx_model_type_details   ? 
# 
_struct_keywords.entry_id        3DNC 
_struct_keywords.text            'hexamer, STRUCTURAL PROTEIN' 
_struct_keywords.pdbx_keywords   'STRUCTURAL PROTEIN' 
# 
loop_
_struct_asym.id 
_struct_asym.pdbx_blank_PDB_chainid_flag 
_struct_asym.pdbx_modified 
_struct_asym.entity_id 
_struct_asym.details 
A N N 1 ? 
B N N 2 ? 
C N N 2 ? 
D N N 3 ? 
E N N 4 ? 
# 
_struct_biol.id        1 
_struct_biol.details   ? 
# 
loop_
_struct_conf.conf_type_id 
_struct_conf.id 
_struct_conf.pdbx_PDB_helix_id 
_struct_conf.beg_label_comp_id 
_struct_conf.beg_label_asym_id 
_struct_conf.beg_label_seq_id 
_struct_conf.pdbx_beg_PDB_ins_code 
_struct_conf.end_label_comp_id 
_struct_conf.end_label_asym_id 
_struct_conf.end_label_seq_id 
_struct_conf.pdbx_end_PDB_ins_code 
_struct_conf.beg_auth_comp_id 
_struct_conf.beg_auth_asym_id 
_struct_conf.beg_auth_seq_id 
_struct_conf.end_auth_comp_id 
_struct_conf.end_auth_asym_id 
_struct_conf.end_auth_seq_id 
_struct_conf.pdbx_PDB_helix_class 
_struct_conf.details 
_struct_conf.pdbx_PDB_helix_length 
HELX_P HELX_P1 1 GLY A 12 ? ALA A 27 ? GLY A 12 ALA A 27 1 ? 16 
HELX_P HELX_P2 2 ASP A 49 ? ARG A 66 ? ASP A 49 ARG A 66 1 ? 18 
HELX_P HELX_P3 3 HIS A 82 ? TYR A 87 ? HIS A 82 TYR A 87 1 ? 6  
# 
_struct_conf_type.id          HELX_P 
_struct_conf_type.criteria    ? 
_struct_conf_type.reference   ? 
# 
_struct_sheet.id               A 
_struct_sheet.type             ? 
_struct_sheet.number_strands   4 
_struct_sheet.details          ? 
# 
loop_
_struct_sheet_order.sheet_id 
_struct_sheet_order.range_id_1 
_struct_sheet_order.range_id_2 
_struct_sheet_order.offset 
_struct_sheet_order.sense 
A 1 2 ? anti-parallel 
A 2 3 ? anti-parallel 
A 3 4 ? anti-parallel 
# 
loop_
_struct_sheet_range.sheet_id 
_struct_sheet_range.id 
_struct_sheet_range.beg_label_comp_id 
_struct_sheet_range.beg_label_asym_id 
_struct_sheet_range.beg_label_seq_id 
_struct_sheet_range.pdbx_beg_PDB_ins_code 
_struct_sheet_range.end_label_comp_id 
_struct_sheet_range.end_label_asym_id 
_struct_sheet_range.end_label_seq_id 
_struct_sheet_range.pdbx_end_PDB_ins_code 
_struct_sheet_range.beg_auth_comp_id 
_struct_sheet_range.beg_auth_asym_id 
_struct_sheet_range.beg_auth_seq_id 
_struct_sheet_range.end_auth_comp_id 
_struct_sheet_range.end_auth_asym_id 
_struct_sheet_range.end_auth_seq_id 
A 1 VAL A 29 ? LYS A 36 ? VAL A 29 LYS A 36 
A 2 ARG A 41 ? GLY A 48 ? ARG A 41 GLY A 48 
A 3 ALA A 4  ? ARG A 11 ? ALA A 4  ARG A 11 
A 4 GLU A 71 ? ILE A 78 ? GLU A 71 ILE A 78 
# 
loop_
_pdbx_struct_sheet_hbond.sheet_id 
_pdbx_struct_sheet_hbond.range_id_1 
_pdbx_struct_sheet_hbond.range_id_2 
_pdbx_struct_sheet_hbond.range_1_label_atom_id 
_pdbx_struct_sheet_hbond.range_1_label_comp_id 
_pdbx_struct_sheet_hbond.range_1_label_asym_id 
_pdbx_struct_sheet_hbond.range_1_label_seq_id 
_pdbx_struct_sheet_hbond.range_1_PDB_ins_code 
_pdbx_struct_sheet_hbond.range_1_auth_atom_id 
_pdbx_struct_sheet_hbond.range_1_auth_comp_id 
_pdbx_struct_sheet_hbond.range_1_auth_asym_id 
_pdbx_struct_sheet_hbond.range_1_auth_seq_id 
_pdbx_struct_sheet_hbond.range_2_label_atom_id 
_pdbx_struct_sheet_hbond.range_2_label_comp_id 
_pdbx_struct_sheet_hbond.range_2_label_asym_id 
_pdbx_struct_sheet_hbond.range_2_label_seq_id 
_pdbx_struct_sheet_hbond.range_2_PDB_ins_code 
_pdbx_struct_sheet_hbond.range_2_auth_atom_id 
_pdbx_struct_sheet_hbond.range_2_auth_comp_id 
_pdbx_struct_sheet_hbond.range_2_auth_asym_id 
_pdbx_struct_sheet_hbond.range_2_auth_seq_id 
A 1 2 N GLU A 35 ? N GLU A 35 O THR A 43 ? O THR A 43 
A 2 3 O VAL A 46 ? O VAL A 46 N GLY A 6  ? N GLY A 6  
A 3 4 N GLU A 9  ? N GLU A 9  O SER A 74 ? O SER A 74 
# 
loop_
_struct_site.id 
_struct_site.pdbx_evidence_code 
_struct_site.pdbx_auth_asym_id 
_struct_site.pdbx_auth_comp_id 
_struct_site.pdbx_auth_seq_id 
_struct_site.pdbx_auth_ins_code 
_struct_site.pdbx_num_residues 
_struct_site.details 
AC1 Software A SO4 100 ? 2 'BINDING SITE FOR RESIDUE SO4 A 100' 
AC2 Software A SO4 101 ? 3 'BINDING SITE FOR RESIDUE SO4 A 101' 
AC3 Software A GOL 102 ? 6 'BINDING SITE FOR RESIDUE GOL A 102' 
# 
loop_
_struct_site_gen.id 
_struct_site_gen.site_id 
_struct_site_gen.pdbx_num_res 
_struct_site_gen.label_comp_id 
_struct_site_gen.label_asym_id 
_struct_site_gen.label_seq_id 
_struct_site_gen.pdbx_auth_ins_code 
_struct_site_gen.auth_comp_id 
_struct_site_gen.auth_asym_id 
_struct_site_gen.auth_seq_id 
_struct_site_gen.label_atom_id 
_struct_site_gen.label_alt_id 
_struct_site_gen.symmetry 
_struct_site_gen.details 
1  AC1 2 GLU A 62 ? GLU A 62  . ? 1_555 ? 
2  AC1 2 ARG A 66 ? ARG A 66  . ? 1_555 ? 
3  AC2 3 ARG A 11 ? ARG A 11  . ? 1_555 ? 
4  AC2 3 SER A 39 ? SER A 39  . ? 1_555 ? 
5  AC2 3 ARG A 41 ? ARG A 41  . ? 1_555 ? 
6  AC3 6 SER A 22 ? SER A 22  . ? 1_555 ? 
7  AC3 6 ALA A 59 ? ALA A 59  . ? 1_555 ? 
8  AC3 6 GLU A 62 ? GLU A 62  . ? 1_555 ? 
9  AC3 6 ALA A 63 ? ALA A 63  . ? 1_555 ? 
10 AC3 6 ARG A 66 ? ARG A 66  . ? 1_555 ? 
11 AC3 6 HOH E .  ? HOH A 103 . ? 1_555 ? 
# 
_atom_sites.entry_id                    3DNC 
_atom_sites.fract_transf_matrix[1][1]   -0.00938059 
_atom_sites.fract_transf_matrix[1][2]   -0.01279849 
_atom_sites.fract_transf_matrix[1][3]   -0.00648376 
_atom_sites.fract_transf_matrix[2][1]   -0.01433226 
_atom_sites.fract_transf_matrix[2][2]   -0.00500752 
_atom_sites.fract_transf_matrix[2][3]   0.00795986 
_atom_sites.fract_transf_matrix[3][1]   -0.01818266 
_atom_sites.fract_transf_matrix[3][2]   0.02268338 
_atom_sites.fract_transf_matrix[3][3]   -0.01846906 
_atom_sites.fract_transf_vector[1]      0.218204 
_atom_sites.fract_transf_vector[2]      -0.154111 
_atom_sites.fract_transf_vector[3]      -0.309457 
# 
loop_
_atom_type.symbol 
C 
N 
O 
S 
# 
loop_
_atom_site.group_PDB 
_atom_site.id 
_atom_site.type_symbol 
_atom_site.label_atom_id 
_atom_site.label_alt_id 
_atom_site.label_comp_id 
_atom_site.label_asym_id 
_atom_site.label_entity_id 
_atom_site.label_seq_id 
_atom_site.pdbx_PDB_ins_code 
_atom_site.Cartn_x 
_atom_site.Cartn_y 
_atom_site.Cartn_z 
_atom_site.occupancy 
_atom_site.B_iso_or_equiv 
_atom_site.pdbx_formal_charge 
_atom_site.auth_seq_id 
_atom_site.auth_comp_id 
_atom_site.auth_asym_id 
_atom_site.auth_atom_id 
_atom_site.pdbx_PDB_model_num 
ATOM   1   N N   . ILE A 1 3  ? 14.610  -3.425  -1.882  1.00 60.81  ? 3   ILE A N   1 
ATOM   2   C CA  . ILE A 1 3  ? 13.515  -3.923  -2.768  1.00 59.56  ? 3   ILE A CA  1 
ATOM   3   C C   . ILE A 1 3  ? 12.421  -2.851  -2.882  1.00 58.09  ? 3   ILE A C   1 
ATOM   4   O O   . ILE A 1 3  ? 12.306  -1.991  -2.013  1.00 59.39  ? 3   ILE A O   1 
ATOM   5   C CB  . ILE A 1 3  ? 12.953  -5.290  -2.245  1.00 59.80  ? 3   ILE A CB  1 
ATOM   6   C CG1 . ILE A 1 3  ? 12.439  -6.149  -3.397  1.00 59.53  ? 3   ILE A CG1 1 
ATOM   7   C CG2 . ILE A 1 3  ? 11.869  -5.093  -1.195  1.00 58.41  ? 3   ILE A CG2 1 
ATOM   8   C CD1 . ILE A 1 3  ? 12.077  -7.559  -2.991  1.00 60.10  ? 3   ILE A CD1 1 
ATOM   9   N N   . ALA A 1 4  ? 11.621  -2.903  -3.945  1.00 55.04  ? 4   ALA A N   1 
ATOM   10  C CA  . ALA A 1 4  ? 10.623  -1.862  -4.215  1.00 52.65  ? 4   ALA A CA  1 
ATOM   11  C C   . ALA A 1 4  ? 9.519   -1.808  -3.163  1.00 50.71  ? 4   ALA A C   1 
ATOM   12  O O   . ALA A 1 4  ? 9.105   -2.834  -2.622  1.00 47.48  ? 4   ALA A O   1 
ATOM   13  C CB  . ALA A 1 4  ? 10.022  -2.043  -5.596  1.00 52.97  ? 4   ALA A CB  1 
ATOM   14  N N   . VAL A 1 5  ? 9.051   -0.595  -2.879  1.00 50.99  ? 5   VAL A N   1 
ATOM   15  C CA  . VAL A 1 5  ? 7.977   -0.383  -1.906  1.00 51.10  ? 5   VAL A CA  1 
ATOM   16  C C   . VAL A 1 5  ? 6.772   0.312   -2.548  1.00 49.64  ? 5   VAL A C   1 
ATOM   17  O O   . VAL A 1 5  ? 6.919   1.240   -3.334  1.00 49.54  ? 5   VAL A O   1 
ATOM   18  C CB  . VAL A 1 5  ? 8.467   0.390   -0.636  1.00 51.53  ? 5   VAL A CB  1 
ATOM   19  C CG1 . VAL A 1 5  ? 9.115   1.713   -1.000  1.00 51.04  ? 5   VAL A CG1 1 
ATOM   20  C CG2 . VAL A 1 5  ? 7.309   0.607   0.340   1.00 52.20  ? 5   VAL A CG2 1 
ATOM   21  N N   . GLY A 1 6  ? 5.583   -0.167  -2.208  1.00 49.70  ? 6   GLY A N   1 
ATOM   22  C CA  . GLY A 1 6  ? 4.340   0.436   -2.657  1.00 49.43  ? 6   GLY A CA  1 
ATOM   23  C C   . GLY A 1 6  ? 3.423   0.700   -1.483  1.00 48.82  ? 6   GLY A C   1 
ATOM   24  O O   . GLY A 1 6  ? 3.378   -0.074  -0.524  1.00 45.80  ? 6   GLY A O   1 
ATOM   25  N N   . MET A 1 7  ? 2.690   1.802   -1.551  1.00 49.39  ? 7   MET A N   1 
ATOM   26  C CA  . MET A 1 7  ? 1.827   2.184   -0.446  1.00 50.63  ? 7   MET A CA  1 
ATOM   27  C C   . MET A 1 7  ? 0.570   2.911   -0.907  1.00 49.59  ? 7   MET A C   1 
ATOM   28  O O   . MET A 1 7  ? 0.586   3.710   -1.846  1.00 47.84  ? 7   MET A O   1 
ATOM   29  C CB  . MET A 1 7  ? 2.605   2.990   0.609   1.00 51.72  ? 7   MET A CB  1 
ATOM   30  C CG  . MET A 1 7  ? 3.603   3.991   0.064   1.00 52.99  ? 7   MET A CG  1 
ATOM   31  S SD  . MET A 1 7  ? 4.917   4.440   1.227   1.00 51.84  ? 7   MET A SD  1 
ATOM   32  C CE  . MET A 1 7  ? 5.990   5.317   0.096   1.00 51.42  ? 7   MET A CE  1 
ATOM   33  N N   . ILE A 1 8  ? -0.532  2.581   -0.250  1.00 48.80  ? 8   ILE A N   1 
ATOM   34  C CA  . ILE A 1 8  ? -1.803  3.220   -0.504  1.00 47.88  ? 8   ILE A CA  1 
ATOM   35  C C   . ILE A 1 8  ? -2.309  3.735   0.826   1.00 47.73  ? 8   ILE A C   1 
ATOM   36  O O   . ILE A 1 8  ? -2.408  2.978   1.797   1.00 48.02  ? 8   ILE A O   1 
ATOM   37  C CB  . ILE A 1 8  ? -2.820  2.239   -1.127  1.00 47.01  ? 8   ILE A CB  1 
ATOM   38  C CG1 . ILE A 1 8  ? -2.390  1.862   -2.548  1.00 47.69  ? 8   ILE A CG1 1 
ATOM   39  C CG2 . ILE A 1 8  ? -4.216  2.855   -1.164  1.00 46.55  ? 8   ILE A CG2 1 
ATOM   40  C CD1 . ILE A 1 8  ? -3.218  0.751   -3.169  1.00 47.07  ? 8   ILE A CD1 1 
ATOM   41  N N   . GLU A 1 9  ? -2.612  5.029   0.863   1.00 47.84  ? 9   GLU A N   1 
ATOM   42  C CA  . GLU A 1 9  ? -3.179  5.661   2.033   1.00 47.50  ? 9   GLU A CA  1 
ATOM   43  C C   . GLU A 1 9  ? -4.658  5.949   1.783   1.00 48.41  ? 9   GLU A C   1 
ATOM   44  O O   . GLU A 1 9  ? -5.016  6.570   0.778   1.00 45.96  ? 9   GLU A O   1 
ATOM   45  C CB  . GLU A 1 9  ? -2.428  6.950   2.342   1.00 48.21  ? 9   GLU A CB  1 
ATOM   46  C CG  . GLU A 1 9  ? -2.836  7.619   3.643   1.00 48.95  ? 9   GLU A CG  1 
ATOM   47  C CD  . GLU A 1 9  ? -2.060  8.892   3.907   1.00 49.43  ? 9   GLU A CD  1 
ATOM   48  O OE1 . GLU A 1 9  ? -1.851  9.654   2.941   1.00 51.41  ? 9   GLU A OE1 1 
ATOM   49  O OE2 . GLU A 1 9  ? -1.669  9.134   5.070   1.00 48.10  ? 9   GLU A OE2 1 
ATOM   50  N N   . THR A 1 10 ? -5.509  5.480   2.697   1.00 48.87  ? 10  THR A N   1 
ATOM   51  C CA  . THR A 1 10 ? -6.939  5.762   2.648   1.00 50.56  ? 10  THR A CA  1 
ATOM   52  C C   . THR A 1 10 ? -7.363  6.583   3.849   1.00 51.31  ? 10  THR A C   1 
ATOM   53  O O   . THR A 1 10 ? -6.637  6.694   4.835   1.00 53.37  ? 10  THR A O   1 
ATOM   54  C CB  . THR A 1 10 ? -7.826  4.475   2.659   1.00 49.32  ? 10  THR A CB  1 
ATOM   55  O OG1 . THR A 1 10 ? -7.585  3.720   3.853   1.00 48.38  ? 10  THR A OG1 1 
ATOM   56  C CG2 . THR A 1 10 ? -7.573  3.615   1.439   1.00 49.29  ? 10  THR A CG2 1 
ATOM   57  N N   . ARG A 1 11 ? -8.551  7.158   3.740   1.00 52.74  ? 11  ARG A N   1 
ATOM   58  C CA  . ARG A 1 11 ? -9.270  7.677   4.882   1.00 53.24  ? 11  ARG A CA  1 
ATOM   59  C C   . ARG A 1 11 ? -10.258 6.589   5.284   1.00 52.12  ? 11  ARG A C   1 
ATOM   60  O O   . ARG A 1 11 ? -11.181 6.271   4.533   1.00 52.83  ? 11  ARG A O   1 
ATOM   61  C CB  . ARG A 1 11 ? -9.984  8.980   4.519   1.00 54.53  ? 11  ARG A CB  1 
ATOM   62  C CG  . ARG A 1 11 ? -10.820 9.585   5.639   1.00 55.38  ? 11  ARG A CG  1 
ATOM   63  C CD  . ARG A 1 11 ? -10.877 11.092  5.512   1.00 56.75  ? 11  ARG A CD  1 
ATOM   64  N NE  . ARG A 1 11 ? -9.624  11.706  5.944   1.00 57.23  ? 11  ARG A NE  1 
ATOM   65  C CZ  . ARG A 1 11 ? -9.109  12.834  5.462   1.00 58.65  ? 11  ARG A CZ  1 
ATOM   66  N NH1 . ARG A 1 11 ? -9.715  13.514  4.495   1.00 60.32  ? 11  ARG A NH1 1 
ATOM   67  N NH2 . ARG A 1 11 ? -7.962  13.286  5.948   1.00 59.34  ? 11  ARG A NH2 1 
ATOM   68  N N   . GLY A 1 12 ? -10.031 5.991   6.449   1.00 51.21  ? 12  GLY A N   1 
ATOM   69  C CA  . GLY A 1 12 ? -10.880 4.918   6.952   1.00 49.97  ? 12  GLY A CA  1 
ATOM   70  C C   . GLY A 1 12 ? -10.171 3.581   6.941   1.00 48.47  ? 12  GLY A C   1 
ATOM   71  O O   . GLY A 1 12 ? -9.328  3.313   6.075   1.00 45.16  ? 12  GLY A O   1 
ATOM   72  N N   . PHE A 1 13 ? -10.534 2.735   7.901   1.00 48.70  ? 13  PHE A N   1 
ATOM   73  C CA  . PHE A 1 13 ? -9.878  1.434   8.094   1.00 47.80  ? 13  PHE A CA  1 
ATOM   74  C C   . PHE A 1 13 ? -10.330 0.339   7.110   1.00 46.68  ? 13  PHE A C   1 
ATOM   75  O O   . PHE A 1 13 ? -9.486  -0.334  6.534   1.00 44.99  ? 13  PHE A O   1 
ATOM   76  C CB  . PHE A 1 13 ? -10.039 0.966   9.545   1.00 48.61  ? 13  PHE A CB  1 
ATOM   77  C CG  . PHE A 1 13 ? -9.420  -0.375  9.821   1.00 49.29  ? 13  PHE A CG  1 
ATOM   78  C CD1 . PHE A 1 13 ? -8.043  -0.502  9.941   1.00 49.35  ? 13  PHE A CD1 1 
ATOM   79  C CD2 . PHE A 1 13 ? -10.213 -1.509  9.943   1.00 48.83  ? 13  PHE A CD2 1 
ATOM   80  C CE1 . PHE A 1 13 ? -7.467  -1.741  10.194  1.00 50.20  ? 13  PHE A CE1 1 
ATOM   81  C CE2 . PHE A 1 13 ? -9.647  -2.740  10.193  1.00 49.42  ? 13  PHE A CE2 1 
ATOM   82  C CZ  . PHE A 1 13 ? -8.271  -2.858  10.319  1.00 49.76  ? 13  PHE A CZ  1 
ATOM   83  N N   . PRO A 1 14 ? -11.658 0.151   6.921   1.00 47.90  ? 14  PRO A N   1 
ATOM   84  C CA  . PRO A 1 14 ? -12.123 -0.910  6.020   1.00 48.11  ? 14  PRO A CA  1 
ATOM   85  C C   . PRO A 1 14 ? -11.567 -0.825  4.598   1.00 47.59  ? 14  PRO A C   1 
ATOM   86  O O   . PRO A 1 14 ? -11.236 -1.857  4.017   1.00 45.18  ? 14  PRO A O   1 
ATOM   87  C CB  . PRO A 1 14 ? -13.643 -0.719  6.018   1.00 48.34  ? 14  PRO A CB  1 
ATOM   88  C CG  . PRO A 1 14 ? -13.933 -0.149  7.342   1.00 47.84  ? 14  PRO A CG  1 
ATOM   89  C CD  . PRO A 1 14 ? -12.796 0.793   7.606   1.00 47.82  ? 14  PRO A CD  1 
ATOM   90  N N   . ALA A 1 15 ? -11.454 0.394   4.068   1.00 47.92  ? 15  ALA A N   1 
ATOM   91  C CA  . ALA A 1 15 ? -10.872 0.624   2.740   1.00 47.59  ? 15  ALA A CA  1 
ATOM   92  C C   . ALA A 1 15 ? -9.364  0.300   2.646   1.00 46.12  ? 15  ALA A C   1 
ATOM   93  O O   . ALA A 1 15 ? -8.891  -0.141  1.594   1.00 44.14  ? 15  ALA A O   1 
ATOM   94  C CB  . ALA A 1 15 ? -11.139 2.061   2.303   1.00 47.19  ? 15  ALA A CB  1 
ATOM   95  N N   . VAL A 1 16 ? -8.619  0.520   3.731   1.00 47.32  ? 16  VAL A N   1 
ATOM   96  C CA  . VAL A 1 16 ? -7.189  0.164   3.775   1.00 47.94  ? 16  VAL A CA  1 
ATOM   97  C C   . VAL A 1 16 ? -7.019  -1.355  3.752   1.00 47.14  ? 16  VAL A C   1 
ATOM   98  O O   . VAL A 1 16 ? -6.084  -1.861  3.142   1.00 44.82  ? 16  VAL A O   1 
ATOM   99  C CB  . VAL A 1 16 ? -6.436  0.803   5.006   1.00 48.44  ? 16  VAL A CB  1 
ATOM   100 C CG1 . VAL A 1 16 ? -6.254  -0.191  6.174   1.00 47.00  ? 16  VAL A CG1 1 
ATOM   101 C CG2 . VAL A 1 16 ? -5.073  1.371   4.587   1.00 47.02  ? 16  VAL A CG2 1 
ATOM   102 N N   . VAL A 1 17 ? -7.939  -2.070  4.401   1.00 47.79  ? 17  VAL A N   1 
ATOM   103 C CA  . VAL A 1 17 ? -7.911  -3.532  4.435   1.00 48.77  ? 17  VAL A CA  1 
ATOM   104 C C   . VAL A 1 17 ? -8.220  -4.117  3.062   1.00 48.52  ? 17  VAL A C   1 
ATOM   105 O O   . VAL A 1 17 ? -7.600  -5.094  2.653   1.00 48.84  ? 17  VAL A O   1 
ATOM   106 C CB  . VAL A 1 17 ? -8.897  -4.100  5.480   1.00 49.00  ? 17  VAL A CB  1 
ATOM   107 C CG1 . VAL A 1 17 ? -8.997  -5.620  5.373   1.00 47.37  ? 17  VAL A CG1 1 
ATOM   108 C CG2 . VAL A 1 17 ? -8.471  -3.694  6.880   1.00 49.01  ? 17  VAL A CG2 1 
ATOM   109 N N   . GLU A 1 18 ? -9.175  -3.515  2.355   1.00 48.48  ? 18  GLU A N   1 
ATOM   110 C CA  . GLU A 1 18 ? -9.487  -3.931  0.995   1.00 48.32  ? 18  GLU A CA  1 
ATOM   111 C C   . GLU A 1 18 ? -8.291  -3.697  0.074   1.00 46.93  ? 18  GLU A C   1 
ATOM   112 O O   . GLU A 1 18 ? -7.962  -4.565  -0.733  1.00 45.61  ? 18  GLU A O   1 
ATOM   113 C CB  . GLU A 1 18 ? -10.742 -3.212  0.469   1.00 48.88  ? 18  GLU A CB  1 
ATOM   114 C CG  . GLU A 1 18 ? -11.061 -3.443  -1.022  1.00 49.88  ? 18  GLU A CG  1 
ATOM   115 C CD  . GLU A 1 18 ? -11.224 -4.910  -1.411  1.00 50.45  ? 18  GLU A CD  1 
ATOM   116 O OE1 . GLU A 1 18 ? -11.546 -5.747  -0.554  1.00 52.00  ? 18  GLU A OE1 1 
ATOM   117 O OE2 . GLU A 1 18 ? -11.043 -5.231  -2.593  1.00 52.48  ? 18  GLU A OE2 1 
ATOM   118 N N   . ALA A 1 19 ? -7.648  -2.533  0.206   1.00 46.75  ? 19  ALA A N   1 
ATOM   119 C CA  . ALA A 1 19 ? -6.442  -2.210  -0.569  1.00 46.29  ? 19  ALA A CA  1 
ATOM   120 C C   . ALA A 1 19 ? -5.319  -3.222  -0.298  1.00 47.02  ? 19  ALA A C   1 
ATOM   121 O O   . ALA A 1 19 ? -4.678  -3.723  -1.225  1.00 45.73  ? 19  ALA A O   1 
ATOM   122 C CB  . ALA A 1 19 ? -5.971  -0.790  -0.267  1.00 46.68  ? 19  ALA A CB  1 
ATOM   123 N N   . ALA A 1 20 ? -5.115  -3.529  0.980   1.00 48.39  ? 20  ALA A N   1 
ATOM   124 C CA  . ALA A 1 20 ? -4.141  -4.522  1.413   1.00 49.39  ? 20  ALA A CA  1 
ATOM   125 C C   . ALA A 1 20 ? -4.429  -5.932  0.870   1.00 49.93  ? 20  ALA A C   1 
ATOM   126 O O   . ALA A 1 20 ? -3.505  -6.642  0.481   1.00 49.43  ? 20  ALA A O   1 
ATOM   127 C CB  . ALA A 1 20 ? -4.062  -4.544  2.937   1.00 48.76  ? 20  ALA A CB  1 
ATOM   128 N N   . ASP A 1 21 ? -5.702  -6.328  0.846   1.00 49.34  ? 21  ASP A N   1 
ATOM   129 C CA  . ASP A 1 21 ? -6.113  -7.610  0.272   1.00 49.90  ? 21  ASP A CA  1 
ATOM   130 C C   . ASP A 1 21 ? -5.978  -7.640  -1.261  1.00 50.62  ? 21  ASP A C   1 
ATOM   131 O O   . ASP A 1 21 ? -5.467  -8.606  -1.834  1.00 48.69  ? 21  ASP A O   1 
ATOM   132 C CB  . ASP A 1 21 ? -7.564  -7.931  0.654   1.00 50.19  ? 21  ASP A CB  1 
ATOM   133 C CG  . ASP A 1 21 ? -7.929  -9.370  0.372   1.00 48.37  ? 21  ASP A CG  1 
ATOM   134 O OD1 . ASP A 1 21 ? -7.189  -10.255 0.846   1.00 48.88  ? 21  ASP A OD1 1 
ATOM   135 O OD2 . ASP A 1 21 ? -8.939  -9.615  -0.324  1.00 47.06  ? 21  ASP A OD2 1 
ATOM   136 N N   . SER A 1 22 ? -6.450  -6.584  -1.910  1.00 50.72  ? 22  SER A N   1 
ATOM   137 C CA  . SER A 1 22 ? -6.353  -6.466  -3.360  1.00 52.59  ? 22  SER A CA  1 
ATOM   138 C C   . SER A 1 22 ? -4.905  -6.346  -3.866  1.00 53.49  ? 22  SER A C   1 
ATOM   139 O O   . SER A 1 22 ? -4.596  -6.819  -4.962  1.00 54.80  ? 22  SER A O   1 
ATOM   140 C CB  . SER A 1 22 ? -7.187  -5.280  -3.855  1.00 51.47  ? 22  SER A CB  1 
ATOM   141 O OG  . SER A 1 22 ? -8.559  -5.605  -3.834  1.00 52.07  ? 22  SER A OG  1 
ATOM   142 N N   . MET A 1 23 ? -4.030  -5.715  -3.086  1.00 52.87  ? 23  MET A N   1 
ATOM   143 C CA  . MET A 1 23 ? -2.623  -5.607  -3.471  1.00 53.37  ? 23  MET A CA  1 
ATOM   144 C C   . MET A 1 23 ? -1.927  -6.975  -3.471  1.00 53.57  ? 23  MET A C   1 
ATOM   145 O O   . MET A 1 23 ? -1.274  -7.342  -4.457  1.00 50.39  ? 23  MET A O   1 
ATOM   146 C CB  . MET A 1 23 ? -1.868  -4.612  -2.584  1.00 54.89  ? 23  MET A CB  1 
ATOM   147 C CG  . MET A 1 23 ? -2.022  -3.158  -3.039  1.00 56.93  ? 23  MET A CG  1 
ATOM   148 S SD  . MET A 1 23 ? -0.955  -1.968  -2.218  1.00 60.78  ? 23  MET A SD  1 
ATOM   149 C CE  . MET A 1 23 ? -1.486  -2.203  -0.525  1.00 59.52  ? 23  MET A CE  1 
ATOM   150 N N   . VAL A 1 24 ? -2.075  -7.731  -2.384  1.00 53.60  ? 24  VAL A N   1 
ATOM   151 C CA  . VAL A 1 24 ? -1.406  -9.030  -2.280  1.00 53.49  ? 24  VAL A CA  1 
ATOM   152 C C   . VAL A 1 24 ? -1.945  -10.028 -3.291  1.00 53.04  ? 24  VAL A C   1 
ATOM   153 O O   . VAL A 1 24 ? -1.190  -10.854 -3.793  1.00 53.51  ? 24  VAL A O   1 
ATOM   154 C CB  . VAL A 1 24 ? -1.475  -9.644  -0.863  1.00 54.33  ? 24  VAL A CB  1 
ATOM   155 C CG1 . VAL A 1 24 ? -0.664  -8.805  0.119   1.00 54.69  ? 24  VAL A CG1 1 
ATOM   156 C CG2 . VAL A 1 24 ? -2.918  -9.814  -0.415  1.00 54.91  ? 24  VAL A CG2 1 
ATOM   157 N N   . LYS A 1 25 ? -3.236  -9.937  -3.608  1.00 52.52  ? 25  LYS A N   1 
ATOM   158 C CA  . LYS A 1 25 ? -3.860  -10.860 -4.568  1.00 51.18  ? 25  LYS A CA  1 
ATOM   159 C C   . LYS A 1 25 ? -3.574  -10.523 -6.039  1.00 48.93  ? 25  LYS A C   1 
ATOM   160 O O   . LYS A 1 25 ? -3.887  -11.319 -6.922  1.00 47.53  ? 25  LYS A O   1 
ATOM   161 C CB  . LYS A 1 25 ? -5.373  -10.946 -4.334  1.00 51.22  ? 25  LYS A CB  1 
ATOM   162 C CG  . LYS A 1 25 ? -5.769  -11.708 -3.075  1.00 51.00  ? 25  LYS A CG  1 
ATOM   163 C CD  . LYS A 1 25 ? -7.256  -11.578 -2.822  1.00 51.06  ? 25  LYS A CD  1 
ATOM   164 C CE  . LYS A 1 25 ? -7.722  -12.437 -1.673  1.00 50.77  ? 25  LYS A CE  1 
ATOM   165 N NZ  . LYS A 1 25 ? -9.146  -12.137 -1.357  1.00 51.13  ? 25  LYS A NZ  1 
ATOM   166 N N   . ALA A 1 26 ? -2.970  -9.363  -6.293  1.00 47.88  ? 26  ALA A N   1 
ATOM   167 C CA  . ALA A 1 26 ? -2.769  -8.864  -7.656  1.00 47.26  ? 26  ALA A CA  1 
ATOM   168 C C   . ALA A 1 26 ? -1.369  -9.091  -8.221  1.00 46.13  ? 26  ALA A C   1 
ATOM   169 O O   . ALA A 1 26 ? -1.168  -8.953  -9.426  1.00 45.61  ? 26  ALA A O   1 
ATOM   170 C CB  . ALA A 1 26 ? -3.112  -7.383  -7.727  1.00 46.62  ? 26  ALA A CB  1 
ATOM   171 N N   . ALA A 1 27 ? -0.406  -9.416  -7.366  1.00 46.94  ? 27  ALA A N   1 
ATOM   172 C CA  . ALA A 1 27 ? 0.970   -9.625  -7.812  1.00 47.56  ? 27  ALA A CA  1 
ATOM   173 C C   . ALA A 1 27 ? 1.804   -10.283 -6.730  1.00 49.73  ? 27  ALA A C   1 
ATOM   174 O O   . ALA A 1 27 ? 1.358   -10.413 -5.585  1.00 48.54  ? 27  ALA A O   1 
ATOM   175 C CB  . ALA A 1 27 ? 1.604   -8.305  -8.205  1.00 45.85  ? 27  ALA A CB  1 
ATOM   176 N N   . ARG A 1 28 ? 3.023   -10.682 -7.105  1.00 51.58  ? 28  ARG A N   1 
ATOM   177 C CA  A ARG A 1 28 ? 3.992   -11.244 -6.165  0.50 51.90  ? 28  ARG A CA  1 
ATOM   178 C CA  B ARG A 1 28 ? 3.965   -11.240 -6.145  0.50 52.15  ? 28  ARG A CA  1 
ATOM   179 C C   . ARG A 1 28 ? 4.561   -10.125 -5.290  1.00 51.93  ? 28  ARG A C   1 
ATOM   180 O O   . ARG A 1 28 ? 5.647   -9.600  -5.562  1.00 50.82  ? 28  ARG A O   1 
ATOM   181 C CB  A ARG A 1 28 ? 5.146   -11.947 -6.903  0.50 53.41  ? 28  ARG A CB  1 
ATOM   182 C CB  B ARG A 1 28 ? 5.059   -12.049 -6.836  0.50 53.97  ? 28  ARG A CB  1 
ATOM   183 C CG  A ARG A 1 28 ? 4.758   -13.117 -7.803  0.50 54.56  ? 28  ARG A CG  1 
ATOM   184 C CG  B ARG A 1 28 ? 5.798   -12.972 -5.882  0.50 55.60  ? 28  ARG A CG  1 
ATOM   185 C CD  A ARG A 1 28 ? 3.842   -14.125 -7.118  0.50 56.09  ? 28  ARG A CD  1 
ATOM   186 C CD  B ARG A 1 28 ? 6.010   -14.307 -6.544  0.50 57.13  ? 28  ARG A CD  1 
ATOM   187 N NE  A ARG A 1 28 ? 4.513   -15.359 -6.692  0.50 56.60  ? 28  ARG A NE  1 
ATOM   188 N NE  B ARG A 1 28 ? 5.171   -14.396 -7.735  0.50 58.19  ? 28  ARG A NE  1 
ATOM   189 C CZ  A ARG A 1 28 ? 5.815   -15.481 -6.448  0.50 56.81  ? 28  ARG A CZ  1 
ATOM   190 C CZ  B ARG A 1 28 ? 3.881   -14.709 -7.714  0.50 58.61  ? 28  ARG A CZ  1 
ATOM   191 N NH1 A ARG A 1 28 ? 6.633   -14.444 -6.572  0.50 57.39  ? 28  ARG A NH1 1 
ATOM   192 N NH1 B ARG A 1 28 ? 3.266   -14.968 -6.564  0.50 58.92  ? 28  ARG A NH1 1 
ATOM   193 N NH2 A ARG A 1 28 ? 6.300   -16.653 -6.069  0.50 56.61  ? 28  ARG A NH2 1 
ATOM   194 N NH2 B ARG A 1 28 ? 3.201   -14.755 -8.848  0.50 57.92  ? 28  ARG A NH2 1 
ATOM   195 N N   . VAL A 1 29 ? 3.814   -9.757  -4.258  1.00 50.56  ? 29  VAL A N   1 
ATOM   196 C CA  . VAL A 1 29 ? 4.250   -8.789  -3.277  1.00 49.41  ? 29  VAL A CA  1 
ATOM   197 C C   . VAL A 1 29 ? 3.862   -9.369  -1.919  1.00 49.60  ? 29  VAL A C   1 
ATOM   198 O O   . VAL A 1 29 ? 3.009   -10.256 -1.843  1.00 49.70  ? 29  VAL A O   1 
ATOM   199 C CB  . VAL A 1 29 ? 3.586   -7.392  -3.491  1.00 48.84  ? 29  VAL A CB  1 
ATOM   200 C CG1 . VAL A 1 29 ? 3.958   -6.807  -4.846  1.00 46.21  ? 29  VAL A CG1 1 
ATOM   201 C CG2 . VAL A 1 29 ? 2.084   -7.483  -3.363  1.00 48.23  ? 29  VAL A CG2 1 
ATOM   202 N N   . THR A 1 30 ? 4.502   -8.890  -0.860  1.00 50.01  ? 30  THR A N   1 
ATOM   203 C CA  . THR A 1 30 ? 4.112   -9.250  0.502   1.00 50.83  ? 30  THR A CA  1 
ATOM   204 C C   . THR A 1 30 ? 3.740   -7.992  1.285   1.00 50.46  ? 30  THR A C   1 
ATOM   205 O O   . THR A 1 30 ? 4.449   -6.983  1.249   1.00 49.02  ? 30  THR A O   1 
ATOM   206 C CB  . THR A 1 30 ? 5.224   -10.027 1.260   1.00 50.87  ? 30  THR A CB  1 
ATOM   207 O OG1 . THR A 1 30 ? 6.278   -9.132  1.607   1.00 53.56  ? 30  THR A OG1 1 
ATOM   208 C CG2 . THR A 1 30 ? 5.784   -11.162 0.419   1.00 49.32  ? 30  THR A CG2 1 
ATOM   209 N N   . LEU A 1 31 ? 2.605   -8.058  1.971   1.00 51.16  ? 31  LEU A N   1 
ATOM   210 C CA  . LEU A 1 31 ? 2.179   -6.999  2.872   1.00 52.25  ? 31  LEU A CA  1 
ATOM   211 C C   . LEU A 1 31 ? 3.087   -7.000  4.102   1.00 51.02  ? 31  LEU A C   1 
ATOM   212 O O   . LEU A 1 31 ? 3.197   -8.009  4.792   1.00 48.10  ? 31  LEU A O   1 
ATOM   213 C CB  . LEU A 1 31 ? 0.716   -7.217  3.286   1.00 52.58  ? 31  LEU A CB  1 
ATOM   214 C CG  . LEU A 1 31 ? 0.037   -6.132  4.129   1.00 52.45  ? 31  LEU A CG  1 
ATOM   215 C CD1 . LEU A 1 31 ? 0.000   -4.781  3.399   1.00 53.10  ? 31  LEU A CD1 1 
ATOM   216 C CD2 . LEU A 1 31 ? -1.363  -6.573  4.512   1.00 51.74  ? 31  LEU A CD2 1 
ATOM   217 N N   . VAL A 1 32 ? 3.734   -5.869  4.362   1.00 51.40  ? 32  VAL A N   1 
ATOM   218 C CA  . VAL A 1 32 ? 4.692   -5.767  5.463   1.00 52.42  ? 32  VAL A CA  1 
ATOM   219 C C   . VAL A 1 32 ? 4.327   -4.720  6.521   1.00 53.44  ? 32  VAL A C   1 
ATOM   220 O O   . VAL A 1 32 ? 4.824   -4.784  7.641   1.00 53.74  ? 32  VAL A O   1 
ATOM   221 C CB  . VAL A 1 32 ? 6.102   -5.429  4.942   1.00 51.58  ? 32  VAL A CB  1 
ATOM   222 C CG1 . VAL A 1 32 ? 6.632   -6.553  4.053   1.00 49.80  ? 32  VAL A CG1 1 
ATOM   223 C CG2 . VAL A 1 32 ? 6.096   -4.091  4.211   1.00 50.02  ? 32  VAL A CG2 1 
ATOM   224 N N   . GLY A 1 33 ? 3.466   -3.766  6.176   1.00 53.00  ? 33  GLY A N   1 
ATOM   225 C CA  . GLY A 1 33 ? 3.266   -2.607  7.025   1.00 53.99  ? 33  GLY A CA  1 
ATOM   226 C C   . GLY A 1 33 ? 1.865   -2.027  7.048   1.00 54.44  ? 33  GLY A C   1 
ATOM   227 O O   . GLY A 1 33 ? 1.150   -2.025  6.045   1.00 52.69  ? 33  GLY A O   1 
ATOM   228 N N   . TYR A 1 34 ? 1.494   -1.537  8.226   1.00 55.15  ? 34  TYR A N   1 
ATOM   229 C CA  . TYR A 1 34 ? 0.239   -0.848  8.456   1.00 55.01  ? 34  TYR A CA  1 
ATOM   230 C C   . TYR A 1 34 ? 0.539   0.328   9.392   1.00 54.67  ? 34  TYR A C   1 
ATOM   231 O O   . TYR A 1 34 ? 0.932   0.127   10.541  1.00 53.81  ? 34  TYR A O   1 
ATOM   232 C CB  . TYR A 1 34 ? -0.775  -1.818  9.065   1.00 55.50  ? 34  TYR A CB  1 
ATOM   233 C CG  . TYR A 1 34 ? -1.980  -1.165  9.714   1.00 55.38  ? 34  TYR A CG  1 
ATOM   234 C CD1 . TYR A 1 34 ? -2.846  -0.363  8.975   1.00 53.93  ? 34  TYR A CD1 1 
ATOM   235 C CD2 . TYR A 1 34 ? -2.260  -1.364  11.065  1.00 54.78  ? 34  TYR A CD2 1 
ATOM   236 C CE1 . TYR A 1 34 ? -3.948  0.229   9.565   1.00 53.73  ? 34  TYR A CE1 1 
ATOM   237 C CE2 . TYR A 1 34 ? -3.365  -0.772  11.664  1.00 54.61  ? 34  TYR A CE2 1 
ATOM   238 C CZ  . TYR A 1 34 ? -4.206  0.023   10.910  1.00 53.69  ? 34  TYR A CZ  1 
ATOM   239 O OH  . TYR A 1 34 ? -5.303  0.609   11.502  1.00 51.76  ? 34  TYR A OH  1 
ATOM   240 N N   . GLU A 1 35 ? 0.372   1.547   8.889   1.00 54.10  ? 35  GLU A N   1 
ATOM   241 C CA  . GLU A 1 35 ? 0.759   2.744   9.625   1.00 53.65  ? 35  GLU A CA  1 
ATOM   242 C C   . GLU A 1 35 ? -0.435  3.659   9.843   1.00 54.32  ? 35  GLU A C   1 
ATOM   243 O O   . GLU A 1 35 ? -1.235  3.882   8.928   1.00 54.42  ? 35  GLU A O   1 
ATOM   244 C CB  . GLU A 1 35 ? 1.853   3.493   8.863   1.00 53.61  ? 35  GLU A CB  1 
ATOM   245 C CG  . GLU A 1 35 ? 2.365   4.767   9.545   1.00 53.88  ? 35  GLU A CG  1 
ATOM   246 C CD  . GLU A 1 35 ? 3.204   4.507   10.781  1.00 54.66  ? 35  GLU A CD  1 
ATOM   247 O OE1 . GLU A 1 35 ? 3.426   3.330   11.126  1.00 57.28  ? 35  GLU A OE1 1 
ATOM   248 O OE2 . GLU A 1 35 ? 3.655   5.487   11.408  1.00 53.06  ? 35  GLU A OE2 1 
ATOM   249 N N   . LYS A 1 36 ? -0.530  4.201   11.056  1.00 54.42  ? 36  LYS A N   1 
ATOM   250 C CA  . LYS A 1 36 ? -1.613  5.103   11.446  1.00 55.17  ? 36  LYS A CA  1 
ATOM   251 C C   . LYS A 1 36 ? -1.006  6.430   11.885  1.00 54.20  ? 36  LYS A C   1 
ATOM   252 O O   . LYS A 1 36 ? -0.184  6.461   12.802  1.00 55.13  ? 36  LYS A O   1 
ATOM   253 C CB  . LYS A 1 36 ? -2.415  4.498   12.600  1.00 57.13  ? 36  LYS A CB  1 
ATOM   254 C CG  . LYS A 1 36 ? -2.978  3.106   12.326  1.00 58.55  ? 36  LYS A CG  1 
ATOM   255 C CD  . LYS A 1 36 ? -3.179  2.305   13.609  1.00 60.12  ? 36  LYS A CD  1 
ATOM   256 C CE  . LYS A 1 36 ? -4.261  2.904   14.491  1.00 60.52  ? 36  LYS A CE  1 
ATOM   257 N NZ  . LYS A 1 36 ? -4.682  1.958   15.570  1.00 60.34  ? 36  LYS A NZ  1 
ATOM   258 N N   . ILE A 1 37 ? -1.400  7.522   11.232  1.00 52.71  ? 37  ILE A N   1 
ATOM   259 C CA  . ILE A 1 37 ? -0.816  8.831   11.515  1.00 50.99  ? 37  ILE A CA  1 
ATOM   260 C C   . ILE A 1 37 ? -1.837  9.830   12.041  1.00 51.79  ? 37  ILE A C   1 
ATOM   261 O O   . ILE A 1 37 ? -1.526  11.012  12.182  1.00 51.24  ? 37  ILE A O   1 
ATOM   262 C CB  . ILE A 1 37 ? -0.100  9.425   10.264  1.00 50.16  ? 37  ILE A CB  1 
ATOM   263 C CG1 . ILE A 1 37 ? -1.097  9.804   9.168   1.00 48.50  ? 37  ILE A CG1 1 
ATOM   264 C CG2 . ILE A 1 37 ? 0.932   8.440   9.719   1.00 48.84  ? 37  ILE A CG2 1 
ATOM   265 C CD1 . ILE A 1 37 ? -0.455  10.516  8.012   1.00 47.39  ? 37  ILE A CD1 1 
ATOM   266 N N   . GLY A 1 38 ? -3.048  9.360   12.329  1.00 52.90  ? 38  GLY A N   1 
ATOM   267 C CA  . GLY A 1 38 ? -4.101  10.216  12.861  1.00 53.30  ? 38  GLY A CA  1 
ATOM   268 C C   . GLY A 1 38 ? -4.976  10.814  11.782  1.00 53.77  ? 38  GLY A C   1 
ATOM   269 O O   . GLY A 1 38 ? -4.677  10.702  10.591  1.00 53.24  ? 38  GLY A O   1 
ATOM   270 N N   . SER A 1 39 ? -6.076  11.431  12.212  1.00 55.23  ? 39  SER A N   1 
ATOM   271 C CA  . SER A 1 39 ? -7.015  12.110  11.309  1.00 55.47  ? 39  SER A CA  1 
ATOM   272 C C   . SER A 1 39 ? -7.681  11.136  10.331  1.00 54.46  ? 39  SER A C   1 
ATOM   273 O O   . SER A 1 39 ? -8.033  11.511  9.205   1.00 54.48  ? 39  SER A O   1 
ATOM   274 C CB  . SER A 1 39 ? -6.304  13.238  10.547  1.00 56.31  ? 39  SER A CB  1 
ATOM   275 O OG  . SER A 1 39 ? -7.224  14.201  10.070  1.00 56.66  ? 39  SER A OG  1 
ATOM   276 N N   . GLY A 1 40 ? -7.847  9.887   10.768  1.00 52.29  ? 40  GLY A N   1 
ATOM   277 C CA  . GLY A 1 40 ? -8.417  8.839   9.930   1.00 50.96  ? 40  GLY A CA  1 
ATOM   278 C C   . GLY A 1 40 ? -7.530  8.385   8.783   1.00 50.09  ? 40  GLY A C   1 
ATOM   279 O O   . GLY A 1 40 ? -7.962  7.595   7.955   1.00 51.04  ? 40  GLY A O   1 
ATOM   280 N N   . ARG A 1 41 ? -6.292  8.874   8.733   1.00 49.99  ? 41  ARG A N   1 
ATOM   281 C CA  . ARG A 1 41 ? -5.382  8.565   7.639   1.00 48.44  ? 41  ARG A CA  1 
ATOM   282 C C   . ARG A 1 41 ? -4.605  7.290   7.945   1.00 49.17  ? 41  ARG A C   1 
ATOM   283 O O   . ARG A 1 41 ? -3.872  7.219   8.928   1.00 48.75  ? 41  ARG A O   1 
ATOM   284 C CB  . ARG A 1 41 ? -4.413  9.723   7.408   1.00 48.97  ? 41  ARG A CB  1 
ATOM   285 C CG  . ARG A 1 41 ? -5.093  11.050  7.101   1.00 48.74  ? 41  ARG A CG  1 
ATOM   286 C CD  . ARG A 1 41 ? -4.076  12.131  6.744   1.00 48.11  ? 41  ARG A CD  1 
ATOM   287 N NE  . ARG A 1 41 ? -3.545  11.978  5.388   1.00 48.00  ? 41  ARG A NE  1 
ATOM   288 C CZ  . ARG A 1 41 ? -3.721  12.831  4.379   1.00 49.59  ? 41  ARG A CZ  1 
ATOM   289 N NH1 . ARG A 1 41 ? -4.423  13.949  4.527   1.00 52.16  ? 41  ARG A NH1 1 
ATOM   290 N NH2 . ARG A 1 41 ? -3.184  12.567  3.196   1.00 50.29  ? 41  ARG A NH2 1 
ATOM   291 N N   . VAL A 1 42 ? -4.751  6.289   7.088   1.00 48.87  ? 42  VAL A N   1 
ATOM   292 C CA  . VAL A 1 42 ? -4.130  5.003   7.337   1.00 50.08  ? 42  VAL A CA  1 
ATOM   293 C C   . VAL A 1 42 ? -3.515  4.456   6.030   1.00 49.52  ? 42  VAL A C   1 
ATOM   294 O O   . VAL A 1 42 ? -4.121  4.550   4.959   1.00 47.86  ? 42  VAL A O   1 
ATOM   295 C CB  . VAL A 1 42 ? -5.159  4.049   8.054   1.00 51.17  ? 42  VAL A CB  1 
ATOM   296 C CG1 . VAL A 1 42 ? -5.873  3.135   7.085   1.00 52.99  ? 42  VAL A CG1 1 
ATOM   297 C CG2 . VAL A 1 42 ? -4.493  3.266   9.149   1.00 50.17  ? 42  VAL A CG2 1 
ATOM   298 N N   . THR A 1 43 ? -2.288  3.936   6.130   1.00 48.97  ? 43  THR A N   1 
ATOM   299 C CA  . THR A 1 43 ? -1.549  3.413   4.977   1.00 49.09  ? 43  THR A CA  1 
ATOM   300 C C   . THR A 1 43 ? -1.195  1.937   5.158   1.00 49.68  ? 43  THR A C   1 
ATOM   301 O O   . THR A 1 43 ? -0.765  1.515   6.235   1.00 50.41  ? 43  THR A O   1 
ATOM   302 C CB  . THR A 1 43 ? -0.219  4.198   4.724   1.00 47.95  ? 43  THR A CB  1 
ATOM   303 O OG1 . THR A 1 43 ? -0.473  5.604   4.649   1.00 48.60  ? 43  THR A OG1 1 
ATOM   304 C CG2 . THR A 1 43 ? 0.442   3.751   3.419   1.00 46.55  ? 43  THR A CG2 1 
ATOM   305 N N   . VAL A 1 44 ? -1.368  1.161   4.091   1.00 50.72  ? 44  VAL A N   1 
ATOM   306 C CA  . VAL A 1 44 ? -0.791  -0.185  4.013   1.00 50.28  ? 44  VAL A CA  1 
ATOM   307 C C   . VAL A 1 44 ? 0.362   -0.174  3.008   1.00 49.70  ? 44  VAL A C   1 
ATOM   308 O O   . VAL A 1 44 ? 0.330   0.547   2.009   1.00 48.39  ? 44  VAL A O   1 
ATOM   309 C CB  . VAL A 1 44 ? -1.832  -1.282  3.650   1.00 51.02  ? 44  VAL A CB  1 
ATOM   310 C CG1 . VAL A 1 44 ? -2.625  -1.688  4.894   1.00 51.07  ? 44  VAL A CG1 1 
ATOM   311 C CG2 . VAL A 1 44 ? -2.767  -0.834  2.509   1.00 50.28  ? 44  VAL A CG2 1 
ATOM   312 N N   . ILE A 1 45 ? 1.378   -0.979  3.295   1.00 50.86  ? 45  ILE A N   1 
ATOM   313 C CA  . ILE A 1 45 ? 2.632   -0.980  2.549   1.00 51.63  ? 45  ILE A CA  1 
ATOM   314 C C   . ILE A 1 45 ? 2.987   -2.393  2.078   1.00 51.56  ? 45  ILE A C   1 
ATOM   315 O O   . ILE A 1 45 ? 2.937   -3.351  2.860   1.00 51.86  ? 45  ILE A O   1 
ATOM   316 C CB  . ILE A 1 45 ? 3.785   -0.457  3.424   1.00 52.94  ? 45  ILE A CB  1 
ATOM   317 C CG1 . ILE A 1 45 ? 3.430   0.906   4.044   1.00 54.05  ? 45  ILE A CG1 1 
ATOM   318 C CG2 . ILE A 1 45 ? 5.067   -0.367  2.608   1.00 52.92  ? 45  ILE A CG2 1 
ATOM   319 C CD1 . ILE A 1 45 ? 4.250   1.253   5.264   1.00 54.29  ? 45  ILE A CD1 1 
ATOM   320 N N   . VAL A 1 46 ? 3.349   -2.518  0.803   1.00 51.26  ? 46  VAL A N   1 
ATOM   321 C CA  . VAL A 1 46 ? 3.795   -3.798  0.245   1.00 50.79  ? 46  VAL A CA  1 
ATOM   322 C C   . VAL A 1 46 ? 5.215   -3.691  -0.302  1.00 50.62  ? 46  VAL A C   1 
ATOM   323 O O   . VAL A 1 46 ? 5.661   -2.607  -0.683  1.00 51.32  ? 46  VAL A O   1 
ATOM   324 C CB  . VAL A 1 46 ? 2.846   -4.312  -0.869  1.00 50.45  ? 46  VAL A CB  1 
ATOM   325 C CG1 . VAL A 1 46 ? 1.400   -4.361  -0.360  1.00 51.00  ? 46  VAL A CG1 1 
ATOM   326 C CG2 . VAL A 1 46 ? 2.945   -3.448  -2.127  1.00 49.89  ? 46  VAL A CG2 1 
ATOM   327 N N   . ARG A 1 47 ? 5.919   -4.823  -0.322  1.00 51.62  ? 47  ARG A N   1 
ATOM   328 C CA  . ARG A 1 47 ? 7.252   -4.909  -0.912  1.00 51.71  ? 47  ARG A CA  1 
ATOM   329 C C   . ARG A 1 47 ? 7.292   -5.960  -2.016  1.00 51.07  ? 47  ARG A C   1 
ATOM   330 O O   . ARG A 1 47 ? 6.582   -6.965  -1.960  1.00 50.44  ? 47  ARG A O   1 
ATOM   331 C CB  . ARG A 1 47 ? 8.299   -5.266  0.148   1.00 53.59  ? 47  ARG A CB  1 
ATOM   332 C CG  . ARG A 1 47 ? 8.364   -4.336  1.360   1.00 55.18  ? 47  ARG A CG  1 
ATOM   333 C CD  . ARG A 1 47 ? 8.731   -2.905  0.997   1.00 56.08  ? 47  ARG A CD  1 
ATOM   334 N NE  . ARG A 1 47 ? 10.119  -2.747  0.565   1.00 56.85  ? 47  ARG A NE  1 
ATOM   335 C CZ  . ARG A 1 47 ? 11.151  -2.470  1.364   1.00 57.30  ? 47  ARG A CZ  1 
ATOM   336 N NH1 . ARG A 1 47 ? 10.994  -2.332  2.679   1.00 56.95  ? 47  ARG A NH1 1 
ATOM   337 N NH2 . ARG A 1 47 ? 12.364  -2.332  0.841   1.00 57.27  ? 47  ARG A NH2 1 
ATOM   338 N N   . GLY A 1 48 ? 8.145   -5.730  -3.009  1.00 49.89  ? 48  GLY A N   1 
ATOM   339 C CA  . GLY A 1 48 ? 8.357   -6.693  -4.078  1.00 49.12  ? 48  GLY A CA  1 
ATOM   340 C C   . GLY A 1 48 ? 9.109   -6.098  -5.249  1.00 48.95  ? 48  GLY A C   1 
ATOM   341 O O   . GLY A 1 48 ? 9.707   -5.027  -5.140  1.00 48.80  ? 48  GLY A O   1 
ATOM   342 N N   . ASP A 1 49 ? 9.090   -6.809  -6.370  1.00 49.25  ? 49  ASP A N   1 
ATOM   343 C CA  . ASP A 1 49 ? 9.630   -6.283  -7.620  1.00 49.72  ? 49  ASP A CA  1 
ATOM   344 C C   . ASP A 1 49 ? 8.778   -5.091  -8.066  1.00 48.63  ? 49  ASP A C   1 
ATOM   345 O O   . ASP A 1 49 ? 7.573   -5.074  -7.848  1.00 48.18  ? 49  ASP A O   1 
ATOM   346 C CB  . ASP A 1 49 ? 9.657   -7.372  -8.702  1.00 49.51  ? 49  ASP A CB  1 
ATOM   347 C CG  . ASP A 1 49 ? 10.790  -8.368  -8.512  1.00 48.74  ? 49  ASP A CG  1 
ATOM   348 O OD1 . ASP A 1 49 ? 11.518  -8.289  -7.501  1.00 50.13  ? 49  ASP A OD1 1 
ATOM   349 O OD2 . ASP A 1 49 ? 10.963  -9.233  -9.389  1.00 47.65  ? 49  ASP A OD2 1 
ATOM   350 N N   . VAL A 1 50 ? 9.421   -4.098  -8.678  1.00 48.02  ? 50  VAL A N   1 
ATOM   351 C CA  . VAL A 1 50 ? 8.759   -2.839  -9.027  1.00 48.87  ? 50  VAL A CA  1 
ATOM   352 C C   . VAL A 1 50 ? 7.571   -3.021  -9.974  1.00 46.20  ? 50  VAL A C   1 
ATOM   353 O O   . VAL A 1 50 ? 6.551   -2.374  -9.796  1.00 44.87  ? 50  VAL A O   1 
ATOM   354 C CB  . VAL A 1 50 ? 9.760   -1.784  -9.615  1.00 49.80  ? 50  VAL A CB  1 
ATOM   355 C CG1 . VAL A 1 50 ? 10.303  -2.214  -10.980 1.00 49.84  ? 50  VAL A CG1 1 
ATOM   356 C CG2 . VAL A 1 50 ? 9.094   -0.399  -9.698  1.00 48.92  ? 50  VAL A CG2 1 
ATOM   357 N N   . SER A 1 51 ? 7.708   -3.901  -10.960 1.00 46.47  ? 51  SER A N   1 
ATOM   358 C CA  . SER A 1 51 ? 6.628   -4.180  -11.896 1.00 46.96  ? 51  SER A CA  1 
ATOM   359 C C   . SER A 1 51 ? 5.476   -4.921  -11.198 1.00 45.74  ? 51  SER A C   1 
ATOM   360 O O   . SER A 1 51 ? 4.314   -4.714  -11.525 1.00 43.68  ? 51  SER A O   1 
ATOM   361 C CB  . SER A 1 51 ? 7.149   -4.957  -13.119 1.00 47.59  ? 51  SER A CB  1 
ATOM   362 O OG  . SER A 1 51 ? 7.872   -6.122  -12.752 1.00 49.65  ? 51  SER A OG  1 
ATOM   363 N N   . GLU A 1 52 ? 5.805   -5.760  -10.219 1.00 45.47  ? 52  GLU A N   1 
ATOM   364 C CA  . GLU A 1 52 ? 4.793   -6.430  -9.411  1.00 45.41  ? 52  GLU A CA  1 
ATOM   365 C C   . GLU A 1 52 ? 4.086   -5.435  -8.483  1.00 44.45  ? 52  GLU A C   1 
ATOM   366 O O   . GLU A 1 52 ? 2.864   -5.452  -8.369  1.00 45.54  ? 52  GLU A O   1 
ATOM   367 C CB  . GLU A 1 52 ? 5.421   -7.585  -8.610  1.00 45.67  ? 52  GLU A CB  1 
ATOM   368 C CG  . GLU A 1 52 ? 6.058   -8.681  -9.486  1.00 45.57  ? 52  GLU A CG  1 
ATOM   369 C CD  . GLU A 1 52 ? 5.038   -9.444  -10.324 1.00 44.25  ? 52  GLU A CD  1 
ATOM   370 O OE1 . GLU A 1 52 ? 4.227   -10.202 -9.757  1.00 44.49  ? 52  GLU A OE1 1 
ATOM   371 O OE2 . GLU A 1 52 ? 5.060   -9.294  -11.557 1.00 43.63  ? 52  GLU A OE2 1 
ATOM   372 N N   . VAL A 1 53 ? 4.858   -4.560  -7.843  1.00 44.02  ? 53  VAL A N   1 
ATOM   373 C CA  . VAL A 1 53 ? 4.313   -3.513  -6.977  1.00 43.80  ? 53  VAL A CA  1 
ATOM   374 C C   . VAL A 1 53 ? 3.384   -2.564  -7.760  1.00 44.18  ? 53  VAL A C   1 
ATOM   375 O O   . VAL A 1 53 ? 2.344   -2.145  -7.243  1.00 42.38  ? 53  VAL A O   1 
ATOM   376 C CB  . VAL A 1 53 ? 5.450   -2.702  -6.266  1.00 44.34  ? 53  VAL A CB  1 
ATOM   377 C CG1 . VAL A 1 53 ? 4.882   -1.498  -5.520  1.00 45.01  ? 53  VAL A CG1 1 
ATOM   378 C CG2 . VAL A 1 53 ? 6.217   -3.580  -5.299  1.00 43.87  ? 53  VAL A CG2 1 
ATOM   379 N N   . GLN A 1 54 ? 3.764   -2.236  -8.995  1.00 44.01  ? 54  GLN A N   1 
ATOM   380 C CA  . GLN A 1 54 ? 2.918   -1.447  -9.892  1.00 45.34  ? 54  GLN A CA  1 
ATOM   381 C C   . GLN A 1 54 ? 1.565   -2.135  -10.146 1.00 44.98  ? 54  GLN A C   1 
ATOM   382 O O   . GLN A 1 54 ? 0.525   -1.486  -10.094 1.00 45.00  ? 54  GLN A O   1 
ATOM   383 C CB  . GLN A 1 54 ? 3.637   -1.175  -11.221 1.00 46.85  ? 54  GLN A CB  1 
ATOM   384 C CG  . GLN A 1 54 ? 4.747   -0.110  -11.146 1.00 49.71  ? 54  GLN A CG  1 
ATOM   385 C CD  . GLN A 1 54 ? 5.691   -0.105  -12.359 1.00 51.70  ? 54  GLN A CD  1 
ATOM   386 O OE1 . GLN A 1 54 ? 5.622   -0.973  -13.226 1.00 56.25  ? 54  GLN A OE1 1 
ATOM   387 N NE2 . GLN A 1 54 ? 6.581   0.881   -12.412 1.00 52.80  ? 54  GLN A NE2 1 
ATOM   388 N N   . ALA A 1 55 ? 1.587   -3.442  -10.403 1.00 45.71  ? 55  ALA A N   1 
ATOM   389 C CA  . ALA A 1 55 ? 0.361   -4.215  -10.628 1.00 46.88  ? 55  ALA A CA  1 
ATOM   390 C C   . ALA A 1 55 ? -0.510  -4.317  -9.372  1.00 46.79  ? 55  ALA A C   1 
ATOM   391 O O   . ALA A 1 55 ? -1.739  -4.270  -9.464  1.00 48.04  ? 55  ALA A O   1 
ATOM   392 C CB  . ALA A 1 55 ? 0.687   -5.610  -11.153 1.00 47.18  ? 55  ALA A CB  1 
ATOM   393 N N   . SER A 1 56 ? 0.126   -4.439  -8.210  1.00 46.64  ? 56  SER A N   1 
ATOM   394 C CA  . SER A 1 56 ? -0.586  -4.525  -6.935  1.00 47.30  ? 56  SER A CA  1 
ATOM   395 C C   . SER A 1 56 ? -1.232  -3.199  -6.576  1.00 47.01  ? 56  SER A C   1 
ATOM   396 O O   . SER A 1 56 ? -2.415  -3.149  -6.245  1.00 46.38  ? 56  SER A O   1 
ATOM   397 C CB  . SER A 1 56 ? 0.353   -4.949  -5.801  1.00 47.96  ? 56  SER A CB  1 
ATOM   398 O OG  . SER A 1 56 ? 0.588   -6.345  -5.828  1.00 50.93  ? 56  SER A OG  1 
ATOM   399 N N   . VAL A 1 57 ? -0.446  -2.130  -6.638  1.00 47.74  ? 57  VAL A N   1 
ATOM   400 C CA  . VAL A 1 57 ? -0.943  -0.795  -6.342  1.00 48.79  ? 57  VAL A CA  1 
ATOM   401 C C   . VAL A 1 57 ? -2.087  -0.409  -7.286  1.00 47.76  ? 57  VAL A C   1 
ATOM   402 O O   . VAL A 1 57 ? -3.075  0.177   -6.850  1.00 48.78  ? 57  VAL A O   1 
ATOM   403 C CB  . VAL A 1 57 ? 0.187   0.254   -6.396  1.00 48.46  ? 57  VAL A CB  1 
ATOM   404 C CG1 . VAL A 1 57 ? -0.380  1.665   -6.357  1.00 49.53  ? 57  VAL A CG1 1 
ATOM   405 C CG2 . VAL A 1 57 ? 1.152   0.036   -5.251  1.00 47.89  ? 57  VAL A CG2 1 
ATOM   406 N N   . SER A 1 58 ? -1.966  -0.746  -8.564  1.00 47.52  ? 58  SER A N   1 
ATOM   407 C CA  A SER A 1 58 ? -3.031  -0.466  -9.528  0.50 48.15  ? 58  SER A CA  1 
ATOM   408 C CA  B SER A 1 58 ? -3.027  -0.466  -9.531  0.50 47.32  ? 58  SER A CA  1 
ATOM   409 C C   . SER A 1 58 ? -4.341  -1.105  -9.084  1.00 47.05  ? 58  SER A C   1 
ATOM   410 O O   . SER A 1 58 ? -5.382  -0.448  -9.063  1.00 46.36  ? 58  SER A O   1 
ATOM   411 C CB  A SER A 1 58 ? -2.662  -0.964  -10.929 0.50 48.58  ? 58  SER A CB  1 
ATOM   412 C CB  B SER A 1 58 ? -2.642  -0.973  -10.925 0.50 46.86  ? 58  SER A CB  1 
ATOM   413 O OG  A SER A 1 58 ? -1.763  -0.075  -11.561 0.50 49.80  ? 58  SER A OG  1 
ATOM   414 O OG  B SER A 1 58 ? -3.591  -0.569  -11.898 0.50 45.86  ? 58  SER A OG  1 
ATOM   415 N N   . ALA A 1 59 ? -4.273  -2.384  -8.720  1.00 46.71  ? 59  ALA A N   1 
ATOM   416 C CA  . ALA A 1 59 ? -5.444  -3.142  -8.285  1.00 46.56  ? 59  ALA A CA  1 
ATOM   417 C C   . ALA A 1 59 ? -5.924  -2.704  -6.906  1.00 45.66  ? 59  ALA A C   1 
ATOM   418 O O   . ALA A 1 59 ? -7.120  -2.724  -6.620  1.00 45.08  ? 59  ALA A O   1 
ATOM   419 C CB  . ALA A 1 59 ? -5.133  -4.631  -8.283  1.00 46.15  ? 59  ALA A CB  1 
ATOM   420 N N   . GLY A 1 60 ? -4.988  -2.315  -6.052  1.00 45.68  ? 60  GLY A N   1 
ATOM   421 C CA  . GLY A 1 60 ? -5.314  -1.855  -4.711  1.00 45.79  ? 60  GLY A CA  1 
ATOM   422 C C   . GLY A 1 60 ? -6.154  -0.602  -4.730  1.00 46.29  ? 60  GLY A C   1 
ATOM   423 O O   . GLY A 1 60 ? -7.132  -0.494  -3.988  1.00 48.05  ? 60  GLY A O   1 
ATOM   424 N N   . ILE A 1 61 ? -5.785  0.327   -5.607  1.00 46.94  ? 61  ILE A N   1 
ATOM   425 C CA  . ILE A 1 61 ? -6.454  1.620   -5.721  1.00 47.28  ? 61  ILE A CA  1 
ATOM   426 C C   . ILE A 1 61 ? -7.902  1.507   -6.207  1.00 48.08  ? 61  ILE A C   1 
ATOM   427 O O   . ILE A 1 61 ? -8.795  2.143   -5.642  1.00 45.77  ? 61  ILE A O   1 
ATOM   428 C CB  . ILE A 1 61 ? -5.676  2.574   -6.661  1.00 47.07  ? 61  ILE A CB  1 
ATOM   429 C CG1 . ILE A 1 61 ? -4.364  3.010   -6.007  1.00 46.08  ? 61  ILE A CG1 1 
ATOM   430 C CG2 . ILE A 1 61 ? -6.528  3.810   -7.036  1.00 47.75  ? 61  ILE A CG2 1 
ATOM   431 C CD1 . ILE A 1 61 ? -3.380  3.655   -6.966  1.00 44.75  ? 61  ILE A CD1 1 
ATOM   432 N N   . GLU A 1 62 ? -8.139  0.715   -7.249  1.00 48.94  ? 62  GLU A N   1 
ATOM   433 C CA  . GLU A 1 62 ? -9.473  0.658   -7.833  1.00 50.51  ? 62  GLU A CA  1 
ATOM   434 C C   . GLU A 1 62 ? -10.430 -0.171  -6.973  1.00 47.99  ? 62  GLU A C   1 
ATOM   435 O O   . GLU A 1 62 ? -11.641 -0.014  -7.072  1.00 46.32  ? 62  GLU A O   1 
ATOM   436 C CB  . GLU A 1 62 ? -9.434  0.183   -9.291  1.00 53.11  ? 62  GLU A CB  1 
ATOM   437 C CG  . GLU A 1 62 ? -9.193  -1.297  -9.503  1.00 56.17  ? 62  GLU A CG  1 
ATOM   438 C CD  . GLU A 1 62 ? -9.632  -1.759  -10.881 1.00 58.48  ? 62  GLU A CD  1 
ATOM   439 O OE1 . GLU A 1 62 ? -10.127 -2.900  -11.005 1.00 59.78  ? 62  GLU A OE1 1 
ATOM   440 O OE2 . GLU A 1 62 ? -9.490  -0.976  -11.843 1.00 60.80  ? 62  GLU A OE2 1 
ATOM   441 N N   . ALA A 1 63 ? -9.882  -1.032  -6.117  1.00 47.07  ? 63  ALA A N   1 
ATOM   442 C CA  . ALA A 1 63 ? -10.692 -1.796  -5.169  1.00 46.42  ? 63  ALA A CA  1 
ATOM   443 C C   . ALA A 1 63 ? -11.098 -0.926  -3.982  1.00 45.79  ? 63  ALA A C   1 
ATOM   444 O O   . ALA A 1 63 ? -12.258 -0.935  -3.566  1.00 44.55  ? 63  ALA A O   1 
ATOM   445 C CB  . ALA A 1 63 ? -9.936  -3.024  -4.687  1.00 47.71  ? 63  ALA A CB  1 
ATOM   446 N N   . ALA A 1 64 ? -10.136 -0.171  -3.456  1.00 45.41  ? 64  ALA A N   1 
ATOM   447 C CA  . ALA A 1 64 ? -10.367 0.720   -2.319  1.00 46.21  ? 64  ALA A CA  1 
ATOM   448 C C   . ALA A 1 64 ? -11.358 1.840   -2.667  1.00 46.73  ? 64  ALA A C   1 
ATOM   449 O O   . ALA A 1 64 ? -12.188 2.230   -1.837  1.00 44.91  ? 64  ALA A O   1 
ATOM   450 C CB  . ALA A 1 64 ? -9.037  1.301   -1.821  1.00 45.15  ? 64  ALA A CB  1 
ATOM   451 N N   . ASN A 1 65 ? -11.271 2.337   -3.900  1.00 47.57  ? 65  ASN A N   1 
ATOM   452 C CA  . ASN A 1 65 ? -12.236 3.298   -4.444  1.00 48.99  ? 65  ASN A CA  1 
ATOM   453 C C   . ASN A 1 65 ? -13.685 2.804   -4.475  1.00 49.59  ? 65  ASN A C   1 
ATOM   454 O O   . ASN A 1 65 ? -14.616 3.605   -4.372  1.00 48.66  ? 65  ASN A O   1 
ATOM   455 C CB  . ASN A 1 65 ? -11.832 3.696   -5.867  1.00 50.29  ? 65  ASN A CB  1 
ATOM   456 C CG  . ASN A 1 65 ? -10.623 4.608   -5.902  1.00 51.85  ? 65  ASN A CG  1 
ATOM   457 O OD1 . ASN A 1 65 ? -10.480 5.501   -5.065  1.00 52.80  ? 65  ASN A OD1 1 
ATOM   458 N ND2 . ASN A 1 65 ? -9.753  4.400   -6.886  1.00 52.61  ? 65  ASN A ND2 1 
ATOM   459 N N   . ARG A 1 66 ? -13.869 1.495   -4.637  1.00 50.92  ? 66  ARG A N   1 
ATOM   460 C CA  . ARG A 1 66 ? -15.204 0.906   -4.749  1.00 52.95  ? 66  ARG A CA  1 
ATOM   461 C C   . ARG A 1 66 ? -15.772 0.458   -3.404  1.00 51.89  ? 66  ARG A C   1 
ATOM   462 O O   . ARG A 1 66 ? -16.907 -0.009  -3.336  1.00 49.49  ? 66  ARG A O   1 
ATOM   463 C CB  . ARG A 1 66 ? -15.189 -0.266  -5.736  1.00 55.12  ? 66  ARG A CB  1 
ATOM   464 C CG  . ARG A 1 66 ? -15.105 0.169   -7.197  1.00 57.07  ? 66  ARG A CG  1 
ATOM   465 C CD  . ARG A 1 66 ? -15.520 -0.944  -8.138  1.00 59.76  ? 66  ARG A CD  1 
ATOM   466 N NE  . ARG A 1 66 ? -14.383 -1.724  -8.620  1.00 62.10  ? 66  ARG A NE  1 
ATOM   467 C CZ  . ARG A 1 66 ? -13.872 -1.659  -9.851  1.00 64.36  ? 66  ARG A CZ  1 
ATOM   468 N NH1 . ARG A 1 66 ? -14.383 -0.844  -10.773 1.00 64.59  ? 66  ARG A NH1 1 
ATOM   469 N NH2 . ARG A 1 66 ? -12.829 -2.422  -10.171 1.00 65.47  ? 66  ARG A NH2 1 
ATOM   470 N N   . VAL A 1 67 ? -14.975 0.588   -2.344  1.00 52.89  ? 67  VAL A N   1 
ATOM   471 C CA  . VAL A 1 67 ? -15.441 0.322   -0.984  1.00 52.39  ? 67  VAL A CA  1 
ATOM   472 C C   . VAL A 1 67 ? -16.500 1.362   -0.624  1.00 52.00  ? 67  VAL A C   1 
ATOM   473 O O   . VAL A 1 67 ? -16.350 2.538   -0.956  1.00 51.58  ? 67  VAL A O   1 
ATOM   474 C CB  . VAL A 1 67 ? -14.276 0.372   0.040   1.00 51.45  ? 67  VAL A CB  1 
ATOM   475 C CG1 . VAL A 1 67 ? -14.793 0.344   1.481   1.00 50.35  ? 67  VAL A CG1 1 
ATOM   476 C CG2 . VAL A 1 67 ? -13.305 -0.772  -0.208  1.00 50.38  ? 67  VAL A CG2 1 
ATOM   477 N N   . ASN A 1 68 ? -17.573 0.915   0.033   1.00 51.71  ? 68  ASN A N   1 
ATOM   478 C CA  . ASN A 1 68 ? -18.650 1.809   0.463   1.00 52.71  ? 68  ASN A CA  1 
ATOM   479 C C   . ASN A 1 68 ? -18.134 2.786   1.519   1.00 51.66  ? 68  ASN A C   1 
ATOM   480 O O   . ASN A 1 68 ? -17.772 2.383   2.620   1.00 49.57  ? 68  ASN A O   1 
ATOM   481 C CB  . ASN A 1 68 ? -19.853 1.012   1.003   1.00 53.58  ? 68  ASN A CB  1 
ATOM   482 C CG  . ASN A 1 68 ? -20.598 0.246   -0.090  1.00 54.30  ? 68  ASN A CG  1 
ATOM   483 O OD1 . ASN A 1 68 ? -20.674 0.681   -1.243  1.00 55.33  ? 68  ASN A OD1 1 
ATOM   484 N ND2 . ASN A 1 68 ? -21.156 -0.901  0.277   1.00 54.10  ? 68  ASN A ND2 1 
ATOM   485 N N   . GLY A 1 69 ? -18.088 4.066   1.159   1.00 51.37  ? 69  GLY A N   1 
ATOM   486 C CA  . GLY A 1 69 ? -17.503 5.093   2.007   1.00 52.08  ? 69  GLY A CA  1 
ATOM   487 C C   . GLY A 1 69 ? -15.984 5.056   2.018   1.00 53.30  ? 69  GLY A C   1 
ATOM   488 O O   . GLY A 1 69 ? -15.354 5.585   2.935   1.00 53.53  ? 69  GLY A O   1 
ATOM   489 N N   . GLY A 1 70 ? -15.391 4.437   0.999   1.00 54.47  ? 70  GLY A N   1 
ATOM   490 C CA  . GLY A 1 70 ? -13.938 4.342   0.886   1.00 55.40  ? 70  GLY A CA  1 
ATOM   491 C C   . GLY A 1 70 ? -13.361 5.579   0.227   1.00 55.67  ? 70  GLY A C   1 
ATOM   492 O O   . GLY A 1 70 ? -13.947 6.115   -0.716  1.00 56.57  ? 70  GLY A O   1 
ATOM   493 N N   . GLU A 1 71 ? -12.218 6.038   0.731   1.00 56.23  ? 71  GLU A N   1 
ATOM   494 C CA  . GLU A 1 71 ? -11.521 7.187   0.153   1.00 56.86  ? 71  GLU A CA  1 
ATOM   495 C C   . GLU A 1 71 ? -10.014 6.957   0.123   1.00 55.85  ? 71  GLU A C   1 
ATOM   496 O O   . GLU A 1 71 ? -9.381  6.858   1.172   1.00 56.37  ? 71  GLU A O   1 
ATOM   497 C CB  . GLU A 1 71 ? -11.830 8.459   0.943   1.00 58.02  ? 71  GLU A CB  1 
ATOM   498 C CG  . GLU A 1 71 ? -11.163 9.720   0.385   1.00 59.40  ? 71  GLU A CG  1 
ATOM   499 C CD  . GLU A 1 71 ? -11.519 10.981  1.160   1.00 60.35  ? 71  GLU A CD  1 
ATOM   500 O OE1 . GLU A 1 71 ? -12.121 10.872  2.251   1.00 60.97  ? 71  GLU A OE1 1 
ATOM   501 O OE2 . GLU A 1 71 ? -11.191 12.086  0.679   1.00 60.73  ? 71  GLU A OE2 1 
ATOM   502 N N   . VAL A 1 72 ? -9.449  6.869   -1.079  1.00 53.52  ? 72  VAL A N   1 
ATOM   503 C CA  . VAL A 1 72 ? -8.000  6.847   -1.257  1.00 52.64  ? 72  VAL A CA  1 
ATOM   504 C C   . VAL A 1 72 ? -7.477  8.288   -1.173  1.00 51.79  ? 72  VAL A C   1 
ATOM   505 O O   . VAL A 1 72 ? -7.971  9.170   -1.879  1.00 51.29  ? 72  VAL A O   1 
ATOM   506 C CB  . VAL A 1 72 ? -7.606  6.216   -2.617  1.00 52.17  ? 72  VAL A CB  1 
ATOM   507 C CG1 . VAL A 1 72 ? -6.103  6.262   -2.821  1.00 52.07  ? 72  VAL A CG1 1 
ATOM   508 C CG2 . VAL A 1 72 ? -8.107  4.789   -2.703  1.00 52.66  ? 72  VAL A CG2 1 
ATOM   509 N N   . LEU A 1 73 ? -6.490  8.524   -0.305  1.00 51.00  ? 73  LEU A N   1 
ATOM   510 C CA  . LEU A 1 73 ? -5.931  9.865   -0.101  1.00 49.17  ? 73  LEU A CA  1 
ATOM   511 C C   . LEU A 1 73 ? -4.660  10.070  -0.919  1.00 48.81  ? 73  LEU A C   1 
ATOM   512 O O   . LEU A 1 73 ? -4.517  11.066  -1.623  1.00 46.33  ? 73  LEU A O   1 
ATOM   513 C CB  . LEU A 1 73 ? -5.647  10.115  1.385   1.00 49.09  ? 73  LEU A CB  1 
ATOM   514 C CG  . LEU A 1 73 ? -6.867  10.249  2.311   1.00 49.38  ? 73  LEU A CG  1 
ATOM   515 C CD1 . LEU A 1 73 ? -6.428  10.261  3.768   1.00 48.87  ? 73  LEU A CD1 1 
ATOM   516 C CD2 . LEU A 1 73 ? -7.691  11.500  1.983   1.00 48.29  ? 73  LEU A CD2 1 
ATOM   517 N N   . SER A 1 74 ? -3.738  9.125   -0.816  1.00 49.44  ? 74  SER A N   1 
ATOM   518 C CA  . SER A 1 74 ? -2.477  9.211   -1.544  1.00 51.02  ? 74  SER A CA  1 
ATOM   519 C C   . SER A 1 74 ? -1.882  7.828   -1.785  1.00 50.73  ? 74  SER A C   1 
ATOM   520 O O   . SER A 1 74 ? -2.061  6.905   -0.991  1.00 51.03  ? 74  SER A O   1 
ATOM   521 C CB  . SER A 1 74 ? -1.469  10.116  -0.810  1.00 50.84  ? 74  SER A CB  1 
ATOM   522 O OG  . SER A 1 74 ? -0.964  9.509   0.366   1.00 53.03  ? 74  SER A OG  1 
ATOM   523 N N   . THR A 1 75 ? -1.190  7.704   -2.907  1.00 51.41  ? 75  THR A N   1 
ATOM   524 C CA  . THR A 1 75 ? -0.561  6.466   -3.321  1.00 52.36  ? 75  THR A CA  1 
ATOM   525 C C   . THR A 1 75 ? 0.826   6.808   -3.850  1.00 51.38  ? 75  THR A C   1 
ATOM   526 O O   . THR A 1 75 ? 1.046   7.913   -4.358  1.00 52.04  ? 75  THR A O   1 
ATOM   527 C CB  . THR A 1 75 ? -1.378  5.766   -4.438  1.00 53.13  ? 75  THR A CB  1 
ATOM   528 O OG1 . THR A 1 75 ? -1.419  6.600   -5.604  1.00 54.88  ? 75  THR A OG1 1 
ATOM   529 C CG2 . THR A 1 75 ? -2.797  5.507   -3.987  1.00 53.66  ? 75  THR A CG2 1 
ATOM   530 N N   . HIS A 1 76 ? 1.757   5.866   -3.733  1.00 49.83  ? 76  HIS A N   1 
ATOM   531 C CA  . HIS A 1 76 ? 3.121   6.104   -4.182  1.00 49.14  ? 76  HIS A CA  1 
ATOM   532 C C   . HIS A 1 76 ? 3.938   4.821   -4.277  1.00 49.32  ? 76  HIS A C   1 
ATOM   533 O O   . HIS A 1 76 ? 3.730   3.882   -3.506  1.00 50.18  ? 76  HIS A O   1 
ATOM   534 C CB  . HIS A 1 76 ? 3.818   7.086   -3.237  1.00 48.47  ? 76  HIS A CB  1 
ATOM   535 C CG  . HIS A 1 76 ? 5.154   7.537   -3.727  1.00 47.90  ? 76  HIS A CG  1 
ATOM   536 N ND1 . HIS A 1 76 ? 5.317   8.216   -4.915  1.00 48.46  ? 76  HIS A ND1 1 
ATOM   537 C CD2 . HIS A 1 76 ? 6.388   7.406   -3.193  1.00 47.22  ? 76  HIS A CD2 1 
ATOM   538 C CE1 . HIS A 1 76 ? 6.597   8.481   -5.092  1.00 47.77  ? 76  HIS A CE1 1 
ATOM   539 N NE2 . HIS A 1 76 ? 7.267   8.004   -4.060  1.00 48.33  ? 76  HIS A NE2 1 
ATOM   540 N N   . ILE A 1 77 ? 4.871   4.794   -5.226  1.00 47.74  ? 77  ILE A N   1 
ATOM   541 C CA  . ILE A 1 77 ? 5.787   3.677   -5.364  1.00 48.68  ? 77  ILE A CA  1 
ATOM   542 C C   . ILE A 1 77 ? 7.246   4.159   -5.442  1.00 48.79  ? 77  ILE A C   1 
ATOM   543 O O   . ILE A 1 77 ? 7.571   5.076   -6.189  1.00 45.44  ? 77  ILE A O   1 
ATOM   544 C CB  . ILE A 1 77 ? 5.440   2.828   -6.613  1.00 48.50  ? 77  ILE A CB  1 
ATOM   545 C CG1 . ILE A 1 77 ? 4.031   2.243   -6.482  1.00 47.77  ? 77  ILE A CG1 1 
ATOM   546 C CG2 . ILE A 1 77 ? 6.473   1.719   -6.820  1.00 46.43  ? 77  ILE A CG2 1 
ATOM   547 C CD1 . ILE A 1 77 ? 3.479   1.689   -7.777  1.00 48.09  ? 77  ILE A CD1 1 
ATOM   548 N N   . ILE A 1 78 ? 8.116   3.536   -4.654  1.00 50.09  ? 78  ILE A N   1 
ATOM   549 C CA  . ILE A 1 78 ? 9.560   3.720   -4.805  1.00 52.16  ? 78  ILE A CA  1 
ATOM   550 C C   . ILE A 1 78 ? 10.179  2.382   -5.203  1.00 52.36  ? 78  ILE A C   1 
ATOM   551 O O   . ILE A 1 78 ? 9.852   1.348   -4.621  1.00 53.08  ? 78  ILE A O   1 
ATOM   552 C CB  . ILE A 1 78 ? 10.198  4.260   -3.517  1.00 52.99  ? 78  ILE A CB  1 
ATOM   553 C CG1 . ILE A 1 78 ? 9.632   5.653   -3.202  1.00 52.89  ? 78  ILE A CG1 1 
ATOM   554 C CG2 . ILE A 1 78 ? 11.721  4.315   -3.665  1.00 53.38  ? 78  ILE A CG2 1 
ATOM   555 C CD1 . ILE A 1 78 ? 9.987   6.182   -1.815  1.00 53.11  ? 78  ILE A CD1 1 
ATOM   556 N N   . ALA A 1 79 ? 11.065  2.410   -6.201  1.00 53.91  ? 79  ALA A N   1 
ATOM   557 C CA  . ALA A 1 79 ? 11.592  1.183   -6.830  1.00 54.22  ? 79  ALA A CA  1 
ATOM   558 C C   . ALA A 1 79 ? 12.767  0.552   -6.072  1.00 53.52  ? 79  ALA A C   1 
ATOM   559 O O   . ALA A 1 79 ? 12.841  -0.676  -5.944  1.00 52.66  ? 79  ALA A O   1 
ATOM   560 C CB  . ALA A 1 79 ? 11.991  1.466   -8.281  1.00 53.63  ? 79  ALA A CB  1 
ATOM   561 N N   . ARG A 1 80 ? 13.684  1.399   -5.607  1.00 54.24  ? 80  ARG A N   1 
ATOM   562 C CA  . ARG A 1 80 ? 14.853  0.980   -4.832  1.00 55.19  ? 80  ARG A CA  1 
ATOM   563 C C   . ARG A 1 80 ? 15.076  1.973   -3.694  1.00 53.91  ? 80  ARG A C   1 
ATOM   564 O O   . ARG A 1 80 ? 15.974  2.813   -3.758  1.00 53.79  ? 80  ARG A O   1 
ATOM   565 C CB  . ARG A 1 80 ? 16.109  0.927   -5.712  1.00 57.00  ? 80  ARG A CB  1 
ATOM   566 C CG  . ARG A 1 80 ? 16.357  -0.388  -6.420  1.00 59.91  ? 80  ARG A CG  1 
ATOM   567 C CD  . ARG A 1 80 ? 17.805  -0.482  -6.880  1.00 61.38  ? 80  ARG A CD  1 
ATOM   568 N NE  . ARG A 1 80 ? 18.045  -1.661  -7.711  1.00 62.75  ? 80  ARG A NE  1 
ATOM   569 C CZ  . ARG A 1 80 ? 18.760  -2.726  -7.351  1.00 63.75  ? 80  ARG A CZ  1 
ATOM   570 N NH1 . ARG A 1 80 ? 19.328  -2.813  -6.150  1.00 64.54  ? 80  ARG A NH1 1 
ATOM   571 N NH2 . ARG A 1 80 ? 18.897  -3.728  -8.209  1.00 65.42  ? 80  ARG A NH2 1 
ATOM   572 N N   . PRO A 1 81 ? 14.247  1.895   -2.645  1.00 54.74  ? 81  PRO A N   1 
ATOM   573 C CA  . PRO A 1 81 ? 14.435  2.834   -1.537  1.00 54.15  ? 81  PRO A CA  1 
ATOM   574 C C   . PRO A 1 81 ? 15.761  2.593   -0.815  1.00 53.15  ? 81  PRO A C   1 
ATOM   575 O O   . PRO A 1 81 ? 16.238  1.462   -0.765  1.00 52.43  ? 81  PRO A O   1 
ATOM   576 C CB  . PRO A 1 81 ? 13.231  2.552   -0.625  1.00 54.07  ? 81  PRO A CB  1 
ATOM   577 C CG  . PRO A 1 81 ? 12.800  1.157   -0.976  1.00 54.20  ? 81  PRO A CG  1 
ATOM   578 C CD  . PRO A 1 81 ? 13.114  0.977   -2.422  1.00 53.98  ? 81  PRO A CD  1 
ATOM   579 N N   . HIS A 1 82 ? 16.354  3.651   -0.275  1.00 53.85  ? 82  HIS A N   1 
ATOM   580 C CA  . HIS A 1 82 ? 17.611  3.524   0.465   1.00 55.36  ? 82  HIS A CA  1 
ATOM   581 C C   . HIS A 1 82 ? 17.396  2.741   1.767   1.00 55.09  ? 82  HIS A C   1 
ATOM   582 O O   . HIS A 1 82 ? 16.414  2.961   2.473   1.00 54.76  ? 82  HIS A O   1 
ATOM   583 C CB  . HIS A 1 82 ? 18.195  4.909   0.775   1.00 54.45  ? 82  HIS A CB  1 
ATOM   584 C CG  . HIS A 1 82 ? 19.674  4.898   0.997   1.00 53.87  ? 82  HIS A CG  1 
ATOM   585 N ND1 . HIS A 1 82 ? 20.237  4.801   2.250   1.00 52.74  ? 82  HIS A ND1 1 
ATOM   586 C CD2 . HIS A 1 82 ? 20.705  4.959   0.123   1.00 53.54  ? 82  HIS A CD2 1 
ATOM   587 C CE1 . HIS A 1 82 ? 21.552  4.811   2.140   1.00 53.34  ? 82  HIS A CE1 1 
ATOM   588 N NE2 . HIS A 1 82 ? 21.863  4.901   0.859   1.00 54.27  ? 82  HIS A NE2 1 
ATOM   589 N N   . GLU A 1 83 ? 18.313  1.835   2.086   1.00 55.38  ? 83  GLU A N   1 
ATOM   590 C CA  . GLU A 1 83 ? 18.172  1.016   3.306   1.00 56.80  ? 83  GLU A CA  1 
ATOM   591 C C   . GLU A 1 83 ? 18.168  1.824   4.618   1.00 54.60  ? 83  GLU A C   1 
ATOM   592 O O   . GLU A 1 83 ? 17.751  1.305   5.655   1.00 51.89  ? 83  GLU A O   1 
ATOM   593 C CB  . GLU A 1 83 ? 19.183  -0.157  3.386   1.00 59.00  ? 83  GLU A CB  1 
ATOM   594 C CG  . GLU A 1 83 ? 20.306  -0.204  2.356   1.00 60.66  ? 83  GLU A CG  1 
ATOM   595 C CD  . GLU A 1 83 ? 21.278  0.944   2.475   1.00 62.25  ? 83  GLU A CD  1 
ATOM   596 O OE1 . GLU A 1 83 ? 21.230  1.662   3.496   1.00 63.95  ? 83  GLU A OE1 1 
ATOM   597 O OE2 . GLU A 1 83 ? 22.092  1.131   1.541   1.00 64.73  ? 83  GLU A OE2 1 
ATOM   598 N N   . ASN A 1 84 ? 18.618  3.082   4.564   1.00 53.79  ? 84  ASN A N   1 
ATOM   599 C CA  . ASN A 1 84 ? 18.504  4.015   5.696   1.00 53.83  ? 84  ASN A CA  1 
ATOM   600 C C   . ASN A 1 84 ? 17.050  4.198   6.150   1.00 53.39  ? 84  ASN A C   1 
ATOM   601 O O   . ASN A 1 84 ? 16.778  4.280   7.348   1.00 52.65  ? 84  ASN A O   1 
ATOM   602 C CB  . ASN A 1 84 ? 19.122  5.380   5.345   1.00 54.25  ? 84  ASN A CB  1 
ATOM   603 C CG  . ASN A 1 84 ? 19.385  6.269   6.575   1.00 54.10  ? 84  ASN A CG  1 
ATOM   604 O OD1 . ASN A 1 84 ? 20.070  7.293   6.473   1.00 52.87  ? 84  ASN A OD1 1 
ATOM   605 N ND2 . ASN A 1 84 ? 18.842  5.885   7.727   1.00 53.13  ? 84  ASN A ND2 1 
ATOM   606 N N   . LEU A 1 85 ? 16.125  4.256   5.193   1.00 53.87  ? 85  LEU A N   1 
ATOM   607 C CA  . LEU A 1 85 ? 14.697  4.345   5.507   1.00 53.70  ? 85  LEU A CA  1 
ATOM   608 C C   . LEU A 1 85 ? 14.187  3.135   6.288   1.00 54.56  ? 85  LEU A C   1 
ATOM   609 O O   . LEU A 1 85 ? 13.360  3.285   7.182   1.00 53.68  ? 85  LEU A O   1 
ATOM   610 C CB  . LEU A 1 85 ? 13.864  4.504   4.235   1.00 54.00  ? 85  LEU A CB  1 
ATOM   611 C CG  . LEU A 1 85 ? 13.661  5.927   3.731   1.00 53.74  ? 85  LEU A CG  1 
ATOM   612 C CD1 . LEU A 1 85 ? 14.977  6.576   3.363   1.00 54.88  ? 85  LEU A CD1 1 
ATOM   613 C CD2 . LEU A 1 85 ? 12.717  5.903   2.544   1.00 54.06  ? 85  LEU A CD2 1 
ATOM   614 N N   . GLU A 1 86 ? 14.684  1.945   5.954   1.00 56.22  ? 86  GLU A N   1 
ATOM   615 C CA  . GLU A 1 86 ? 14.153  0.700   6.516   1.00 58.45  ? 86  GLU A CA  1 
ATOM   616 C C   . GLU A 1 86 ? 14.242  0.583   8.038   1.00 57.73  ? 86  GLU A C   1 
ATOM   617 O O   . GLU A 1 86 ? 13.384  -0.050  8.653   1.00 57.94  ? 86  GLU A O   1 
ATOM   618 C CB  . GLU A 1 86 ? 14.831  -0.514  5.880   1.00 60.42  ? 86  GLU A CB  1 
ATOM   619 C CG  . GLU A 1 86 ? 14.453  -0.736  4.432   1.00 61.37  ? 86  GLU A CG  1 
ATOM   620 C CD  . GLU A 1 86 ? 15.151  -1.939  3.836   1.00 62.35  ? 86  GLU A CD  1 
ATOM   621 O OE1 . GLU A 1 86 ? 14.471  -2.754  3.176   1.00 63.99  ? 86  GLU A OE1 1 
ATOM   622 O OE2 . GLU A 1 86 ? 16.376  -2.077  4.034   1.00 63.25  ? 86  GLU A OE2 1 
ATOM   623 N N   . TYR A 1 87 ? 15.271  1.177   8.640   1.00 57.15  ? 87  TYR A N   1 
ATOM   624 C CA  . TYR A 1 87 ? 15.418  1.138   10.101  1.00 56.57  ? 87  TYR A CA  1 
ATOM   625 C C   . TYR A 1 87 ? 14.901  2.397   10.806  1.00 55.07  ? 87  TYR A C   1 
ATOM   626 O O   . TYR A 1 87 ? 14.964  2.476   12.029  1.00 54.92  ? 87  TYR A O   1 
ATOM   627 C CB  . TYR A 1 87 ? 16.867  0.810   10.522  1.00 56.22  ? 87  TYR A CB  1 
ATOM   628 C CG  . TYR A 1 87 ? 17.903  1.878   10.261  1.00 55.90  ? 87  TYR A CG  1 
ATOM   629 C CD1 . TYR A 1 87 ? 18.073  2.937   11.141  1.00 56.42  ? 87  TYR A CD1 1 
ATOM   630 C CD2 . TYR A 1 87 ? 18.740  1.806   9.148   1.00 55.64  ? 87  TYR A CD2 1 
ATOM   631 C CE1 . TYR A 1 87 ? 19.026  3.914   10.912  1.00 56.63  ? 87  TYR A CE1 1 
ATOM   632 C CE2 . TYR A 1 87 ? 19.701  2.773   8.910   1.00 55.55  ? 87  TYR A CE2 1 
ATOM   633 C CZ  . TYR A 1 87 ? 19.839  3.827   9.795   1.00 56.65  ? 87  TYR A CZ  1 
ATOM   634 O OH  . TYR A 1 87 ? 20.784  4.801   9.573   1.00 56.11  ? 87  TYR A OH  1 
ATOM   635 N N   . VAL A 1 88 ? 14.386  3.363   10.045  1.00 53.94  ? 88  VAL A N   1 
ATOM   636 C CA  . VAL A 1 88 ? 13.764  4.562   10.626  1.00 53.45  ? 88  VAL A CA  1 
ATOM   637 C C   . VAL A 1 88 ? 12.250  4.572   10.419  1.00 54.20  ? 88  VAL A C   1 
ATOM   638 O O   . VAL A 1 88 ? 11.507  4.938   11.328  1.00 53.97  ? 88  VAL A O   1 
ATOM   639 C CB  . VAL A 1 88 ? 14.347  5.866   10.038  1.00 52.43  ? 88  VAL A CB  1 
ATOM   640 C CG1 . VAL A 1 88 ? 13.654  7.090   10.651  1.00 50.88  ? 88  VAL A CG1 1 
ATOM   641 C CG2 . VAL A 1 88 ? 15.836  5.934   10.270  1.00 52.36  ? 88  VAL A CG2 1 
ATOM   642 N N   . LEU A 1 89 ? 11.803  4.189   9.223   1.00 55.69  ? 89  LEU A N   1 
ATOM   643 C CA  . LEU A 1 89 ? 10.376  4.155   8.886   1.00 57.79  ? 89  LEU A CA  1 
ATOM   644 C C   . LEU A 1 89 ? 9.840   2.719   8.857   1.00 59.03  ? 89  LEU A C   1 
ATOM   645 O O   . LEU A 1 89 ? 10.527  1.819   8.380   1.00 58.27  ? 89  LEU A O   1 
ATOM   646 C CB  . LEU A 1 89 ? 10.149  4.802   7.520   1.00 57.83  ? 89  LEU A CB  1 
ATOM   647 C CG  . LEU A 1 89 ? 10.460  6.293   7.440   1.00 57.82  ? 89  LEU A CG  1 
ATOM   648 C CD1 . LEU A 1 89 ? 10.629  6.734   5.987   1.00 57.21  ? 89  LEU A CD1 1 
ATOM   649 C CD2 . LEU A 1 89 ? 9.363   7.085   8.134   1.00 57.77  ? 89  LEU A CD2 1 
ATOM   650 N N   . PRO A 1 90 ? 8.600   2.503   9.344   1.00 61.39  ? 90  PRO A N   1 
ATOM   651 C CA  . PRO A 1 90 ? 8.014   1.161   9.380   1.00 62.96  ? 90  PRO A CA  1 
ATOM   652 C C   . PRO A 1 90 ? 7.508   0.679   8.013   1.00 63.84  ? 90  PRO A C   1 
ATOM   653 O O   . PRO A 1 90 ? 6.301   0.585   7.794   1.00 65.86  ? 90  PRO A O   1 
ATOM   654 C CB  . PRO A 1 90 ? 6.857   1.320   10.374  1.00 62.46  ? 90  PRO A CB  1 
ATOM   655 C CG  . PRO A 1 90 ? 6.427   2.719   10.204  1.00 61.99  ? 90  PRO A CG  1 
ATOM   656 C CD  . PRO A 1 90 ? 7.677   3.508   9.905   1.00 62.01  ? 90  PRO A CD  1 
ATOM   657 N N   . ILE A 1 91 ? 8.440   0.370   7.116   1.00 64.44  ? 91  ILE A N   1 
ATOM   658 C CA  . ILE A 1 91 ? 8.116   -0.173  5.792   1.00 65.05  ? 91  ILE A CA  1 
ATOM   659 C C   . ILE A 1 91 ? 8.571   -1.630  5.651   1.00 65.96  ? 91  ILE A C   1 
ATOM   660 O O   . ILE A 1 91 ? 8.468   -2.213  4.574   1.00 66.22  ? 91  ILE A O   1 
ATOM   661 C CB  . ILE A 1 91 ? 8.721   0.688   4.642   1.00 64.76  ? 91  ILE A CB  1 
ATOM   662 C CG1 . ILE A 1 91 ? 10.229  0.918   4.829   1.00 65.03  ? 91  ILE A CG1 1 
ATOM   663 C CG2 . ILE A 1 91 ? 7.996   2.020   4.543   1.00 65.76  ? 91  ILE A CG2 1 
ATOM   664 C CD1 . ILE A 1 91 ? 10.879  1.704   3.694   1.00 63.42  ? 91  ILE A CD1 1 
ATOM   665 N N   . LEU A 1 92 ? 9.059   -2.214  6.746   1.00 66.36  ? 92  LEU A N   1 
ATOM   666 C CA  . LEU A 1 92 ? 9.527   -3.593  6.757   1.00 67.23  ? 92  LEU A CA  1 
ATOM   667 C C   . LEU A 1 92 ? 9.451   -4.152  8.169   1.00 67.37  ? 92  LEU A C   1 
ATOM   668 O O   . LEU A 1 92 ? 8.505   -3.873  8.900   1.00 67.84  ? 92  LEU A O   1 
ATOM   669 C CB  . LEU A 1 92 ? 10.964  -3.665  6.249   1.00 68.12  ? 92  LEU A CB  1 
ATOM   670 C CG  . LEU A 1 92 ? 11.506  -5.070  5.973   1.00 68.97  ? 92  LEU A CG  1 
ATOM   671 C CD1 . LEU A 1 92 ? 12.638  -5.009  4.956   1.00 69.83  ? 92  LEU A CD1 1 
ATOM   672 C CD2 . LEU A 1 92 ? 11.968  -5.762  7.249   1.00 69.55  ? 92  LEU A CD2 1 
HETATM 673 S S   . SO4 B 2 .  ? -14.404 -5.359  -10.910 0.50 68.57  ? 100 SO4 A S   1 
HETATM 674 O O1  . SO4 B 2 .  ? -14.503 -6.807  -11.098 0.50 68.53  ? 100 SO4 A O1  1 
HETATM 675 O O2  . SO4 B 2 .  ? -14.523 -5.060  -9.483  0.50 68.29  ? 100 SO4 A O2  1 
HETATM 676 O O3  . SO4 B 2 .  ? -13.098 -4.902  -11.394 0.50 68.82  ? 100 SO4 A O3  1 
HETATM 677 O O4  . SO4 B 2 .  ? -15.517 -4.680  -11.639 0.50 68.12  ? 100 SO4 A O4  1 
HETATM 678 S S   . SO4 C 2 .  ? -6.784  16.649  6.372   1.00 118.60 ? 101 SO4 A S   1 
HETATM 679 O O1  . SO4 C 2 .  ? -6.454  16.312  4.991   1.00 118.40 ? 101 SO4 A O1  1 
HETATM 680 O O2  . SO4 C 2 .  ? -6.237  15.626  7.260   1.00 118.24 ? 101 SO4 A O2  1 
HETATM 681 O O3  . SO4 C 2 .  ? -6.199  17.943  6.711   1.00 118.54 ? 101 SO4 A O3  1 
HETATM 682 O O4  . SO4 C 2 .  ? -8.236  16.710  6.526   1.00 118.39 ? 101 SO4 A O4  1 
HETATM 683 C C1  . GOL D 3 .  ? -11.253 -5.184  -7.999  1.00 57.23  ? 102 GOL A C1  1 
HETATM 684 O O1  . GOL D 3 .  ? -11.968 -4.251  -7.218  1.00 57.96  ? 102 GOL A O1  1 
HETATM 685 C C2  . GOL D 3 .  ? -9.783  -5.166  -7.591  1.00 57.18  ? 102 GOL A C2  1 
HETATM 686 O O2  . GOL D 3 .  ? -9.138  -4.029  -8.117  1.00 54.15  ? 102 GOL A O2  1 
HETATM 687 C C3  . GOL D 3 .  ? -9.058  -6.419  -8.078  1.00 57.21  ? 102 GOL A C3  1 
HETATM 688 O O3  . GOL D 3 .  ? -8.243  -6.910  -7.040  1.00 56.74  ? 102 GOL A O3  1 
HETATM 689 O O   . HOH E 4 .  ? -6.212  -8.205  -6.352  1.00 29.21  ? 103 HOH A O   1 
HETATM 690 O O   . HOH E 4 .  ? -12.669 2.842   4.972   1.00 26.63  ? 104 HOH A O   1 
HETATM 691 O O   . HOH E 4 .  ? 3.789   -3.817  -13.979 1.00 30.02  ? 105 HOH A O   1 
HETATM 692 O O   . HOH E 4 .  ? -12.366 2.072   -8.638  1.00 39.62  ? 106 HOH A O   1 
HETATM 693 O O   . HOH E 4 .  ? -12.394 1.952   -11.301 1.00 43.62  ? 107 HOH A O   1 
HETATM 694 O O   . HOH E 4 .  ? -18.967 5.773   -0.869  1.00 43.48  ? 108 HOH A O   1 
HETATM 695 O O   . HOH E 4 .  ? 13.930  -2.047  -7.722  1.00 45.84  ? 109 HOH A O   1 
HETATM 696 O O   . HOH E 4 .  ? -2.531  -8.427  -11.343 1.00 32.27  ? 110 HOH A O   1 
HETATM 697 O O   . HOH E 4 .  ? -11.651 6.601   -3.178  1.00 44.04  ? 111 HOH A O   1 
HETATM 698 O O   . HOH E 4 .  ? -1.344  7.071   6.832   1.00 28.03  ? 112 HOH A O   1 
HETATM 699 O O   . HOH E 4 .  ? -5.736  2.129   -9.998  1.00 43.37  ? 113 HOH A O   1 
HETATM 700 O O   . HOH E 4 .  ? 8.010   -9.448  -6.474  1.00 27.62  ? 114 HOH A O   1 
HETATM 701 O O   . HOH E 4 .  ? 22.074  7.988   4.495   1.00 33.40  ? 115 HOH A O   1 
HETATM 702 O O   . HOH E 4 .  ? -13.795 -3.272  -3.742  1.00 37.38  ? 116 HOH A O   1 
HETATM 703 O O   . HOH E 4 .  ? 0.839   2.967   13.241  1.00 36.51  ? 117 HOH A O   1 
HETATM 704 O O   . HOH E 4 .  ? 0.756   1.219   -10.293 1.00 39.34  ? 118 HOH A O   1 
HETATM 705 O O   . HOH E 4 .  ? -17.810 -2.012  0.489   1.00 28.98  ? 119 HOH A O   1 
HETATM 706 O O   . HOH E 4 .  ? 3.912   -0.730  9.714   1.00 39.89  ? 120 HOH A O   1 
HETATM 707 O O   . HOH E 4 .  ? 7.979   -9.581  -1.820  1.00 46.75  ? 121 HOH A O   1 
HETATM 708 O O   . HOH E 4 .  ? 10.724  4.859   -7.965  1.00 40.01  ? 122 HOH A O   1 
HETATM 709 O O   . HOH E 4 .  ? -3.220  -5.008  -11.475 1.00 33.09  ? 123 HOH A O   1 
HETATM 710 O O   . HOH E 4 .  ? -19.384 2.465   -3.016  1.00 54.71  ? 124 HOH A O   1 
HETATM 711 O O   . HOH E 4 .  ? -16.118 5.328   -2.808  1.00 39.59  ? 125 HOH A O   1 
HETATM 712 O O   . HOH E 4 .  ? 0.296   -0.267  -13.280 1.00 46.11  ? 126 HOH A O   1 
HETATM 713 O O   . HOH E 4 .  ? 0.747   12.296  12.696  1.00 36.65  ? 127 HOH A O   1 
HETATM 714 O O   . HOH E 4 .  ? -3.180  3.108   -11.033 1.00 46.50  ? 128 HOH A O   1 
HETATM 715 O O   . HOH E 4 .  ? -5.815  -13.197 -8.680  1.00 36.49  ? 129 HOH A O   1 
HETATM 716 O O   . HOH E 4 .  ? 20.618  -1.928  -3.513  1.00 49.84  ? 130 HOH A O   1 
HETATM 717 O O   . HOH E 4 .  ? 21.615  3.491   5.974   1.00 44.85  ? 131 HOH A O   1 
HETATM 718 O O   . HOH E 4 .  ? -10.220 -8.228  -2.202  1.00 37.26  ? 132 HOH A O   1 
HETATM 719 O O   . HOH E 4 .  ? 7.658   -5.991  10.245  1.00 51.56  ? 133 HOH A O   1 
HETATM 720 O O   . HOH E 4 .  ? 2.219   -2.379  10.898  1.00 41.84  ? 134 HOH A O   1 
HETATM 721 O O   . HOH E 4 .  ? -5.053  5.369   -10.452 1.00 52.12  ? 135 HOH A O   1 
HETATM 722 O O   . HOH E 4 .  ? -6.362  4.736   -12.775 1.00 43.83  ? 136 HOH A O   1 
HETATM 723 O O   . HOH E 4 .  ? -10.331 -12.508 -4.315  1.00 40.77  ? 137 HOH A O   1 
HETATM 724 O O   . HOH E 4 .  ? 1.311   5.227   -6.757  1.00 36.48  ? 138 HOH A O   1 
HETATM 725 O O   . HOH E 4 .  ? 4.316   6.098   -7.736  1.00 45.01  ? 139 HOH A O   1 
HETATM 726 O O   . HOH E 4 .  ? 11.700  0.983   11.333  1.00 45.14  ? 140 HOH A O   1 
HETATM 727 O O   . HOH E 4 .  ? 7.725   -7.764  7.562   1.00 48.59  ? 141 HOH A O   1 
HETATM 728 O O   . HOH E 4 .  ? 18.730  1.392   -2.722  1.00 45.74  ? 142 HOH A O   1 
# 
loop_
_pdbx_poly_seq_scheme.asym_id 
_pdbx_poly_seq_scheme.entity_id 
_pdbx_poly_seq_scheme.seq_id 
_pdbx_poly_seq_scheme.mon_id 
_pdbx_poly_seq_scheme.ndb_seq_num 
_pdbx_poly_seq_scheme.pdb_seq_num 
_pdbx_poly_seq_scheme.auth_seq_num 
_pdbx_poly_seq_scheme.pdb_mon_id 
_pdbx_poly_seq_scheme.auth_mon_id 
_pdbx_poly_seq_scheme.pdb_strand_id 
_pdbx_poly_seq_scheme.pdb_ins_code 
_pdbx_poly_seq_scheme.hetero 
A 1 1  MET 1  1  ?  ?   ?   A . n 
A 1 2  SER 2  2  ?  ?   ?   A . n 
A 1 3  ILE 3  3  3  ILE ILE A . n 
A 1 4  ALA 4  4  4  ALA ALA A . n 
A 1 5  VAL 5  5  5  VAL VAL A . n 
A 1 6  GLY 6  6  6  GLY GLY A . n 
A 1 7  MET 7  7  7  MET MET A . n 
A 1 8  ILE 8  8  8  ILE ILE A . n 
A 1 9  GLU 9  9  9  GLU GLU A . n 
A 1 10 THR 10 10 10 THR THR A . n 
A 1 11 ARG 11 11 11 ARG ARG A . n 
A 1 12 GLY 12 12 12 GLY GLY A . n 
A 1 13 PHE 13 13 13 PHE PHE A . n 
A 1 14 PRO 14 14 14 PRO PRO A . n 
A 1 15 ALA 15 15 15 ALA ALA A . n 
A 1 16 VAL 16 16 16 VAL VAL A . n 
A 1 17 VAL 17 17 17 VAL VAL A . n 
A 1 18 GLU 18 18 18 GLU GLU A . n 
A 1 19 ALA 19 19 19 ALA ALA A . n 
A 1 20 ALA 20 20 20 ALA ALA A . n 
A 1 21 ASP 21 21 21 ASP ASP A . n 
A 1 22 SER 22 22 22 SER SER A . n 
A 1 23 MET 23 23 23 MET MET A . n 
A 1 24 VAL 24 24 24 VAL VAL A . n 
A 1 25 LYS 25 25 25 LYS LYS A . n 
A 1 26 ALA 26 26 26 ALA ALA A . n 
A 1 27 ALA 27 27 27 ALA ALA A . n 
A 1 28 ARG 28 28 28 ARG ARG A . n 
A 1 29 VAL 29 29 29 VAL VAL A . n 
A 1 30 THR 30 30 30 THR THR A . n 
A 1 31 LEU 31 31 31 LEU LEU A . n 
A 1 32 VAL 32 32 32 VAL VAL A . n 
A 1 33 GLY 33 33 33 GLY GLY A . n 
A 1 34 TYR 34 34 34 TYR TYR A . n 
A 1 35 GLU 35 35 35 GLU GLU A . n 
A 1 36 LYS 36 36 36 LYS LYS A . n 
A 1 37 ILE 37 37 37 ILE ILE A . n 
A 1 38 GLY 38 38 38 GLY GLY A . n 
A 1 39 SER 39 39 39 SER SER A . n 
A 1 40 GLY 40 40 40 GLY GLY A . n 
A 1 41 ARG 41 41 41 ARG ARG A . n 
A 1 42 VAL 42 42 42 VAL VAL A . n 
A 1 43 THR 43 43 43 THR THR A . n 
A 1 44 VAL 44 44 44 VAL VAL A . n 
A 1 45 ILE 45 45 45 ILE ILE A . n 
A 1 46 VAL 46 46 46 VAL VAL A . n 
A 1 47 ARG 47 47 47 ARG ARG A . n 
A 1 48 GLY 48 48 48 GLY GLY A . n 
A 1 49 ASP 49 49 49 ASP ASP A . n 
A 1 50 VAL 50 50 50 VAL VAL A . n 
A 1 51 SER 51 51 51 SER SER A . n 
A 1 52 GLU 52 52 52 GLU GLU A . n 
A 1 53 VAL 53 53 53 VAL VAL A . n 
A 1 54 GLN 54 54 54 GLN GLN A . n 
A 1 55 ALA 55 55 55 ALA ALA A . n 
A 1 56 SER 56 56 56 SER SER A . n 
A 1 57 VAL 57 57 57 VAL VAL A . n 
A 1 58 SER 58 58 58 SER SER A . n 
A 1 59 ALA 59 59 59 ALA ALA A . n 
A 1 60 GLY 60 60 60 GLY GLY A . n 
A 1 61 ILE 61 61 61 ILE ILE A . n 
A 1 62 GLU 62 62 62 GLU GLU A . n 
A 1 63 ALA 63 63 63 ALA ALA A . n 
A 1 64 ALA 64 64 64 ALA ALA A . n 
A 1 65 ASN 65 65 65 ASN ASN A . n 
A 1 66 ARG 66 66 66 ARG ARG A . n 
A 1 67 VAL 67 67 67 VAL VAL A . n 
A 1 68 ASN 68 68 68 ASN ASN A . n 
A 1 69 GLY 69 69 69 GLY GLY A . n 
A 1 70 GLY 70 70 70 GLY GLY A . n 
A 1 71 GLU 71 71 71 GLU GLU A . n 
A 1 72 VAL 72 72 72 VAL VAL A . n 
A 1 73 LEU 73 73 73 LEU LEU A . n 
A 1 74 SER 74 74 74 SER SER A . n 
A 1 75 THR 75 75 75 THR THR A . n 
A 1 76 HIS 76 76 76 HIS HIS A . n 
A 1 77 ILE 77 77 77 ILE ILE A . n 
A 1 78 ILE 78 78 78 ILE ILE A . n 
A 1 79 ALA 79 79 79 ALA ALA A . n 
A 1 80 ARG 80 80 80 ARG ARG A . n 
A 1 81 PRO 81 81 81 PRO PRO A . n 
A 1 82 HIS 82 82 82 HIS HIS A . n 
A 1 83 GLU 83 83 83 GLU GLU A . n 
A 1 84 ASN 84 84 84 ASN ASN A . n 
A 1 85 LEU 85 85 85 LEU LEU A . n 
A 1 86 GLU 86 86 86 GLU GLU A . n 
A 1 87 TYR 87 87 87 TYR TYR A . n 
A 1 88 VAL 88 88 88 VAL VAL A . n 
A 1 89 LEU 89 89 89 LEU LEU A . n 
A 1 90 PRO 90 90 90 PRO PRO A . n 
A 1 91 ILE 91 91 91 ILE ILE A . n 
A 1 92 LEU 92 92 92 LEU LEU A . n 
A 1 93 GLU 93 93 ?  ?   ?   A . n 
A 1 94 HIS 94 94 ?  ?   ?   A . n 
A 1 95 HIS 95 95 ?  ?   ?   A . n 
A 1 96 HIS 96 96 ?  ?   ?   A . n 
A 1 97 HIS 97 97 ?  ?   ?   A . n 
A 1 98 HIS 98 98 ?  ?   ?   A . n 
A 1 99 HIS 99 99 ?  ?   ?   A . n 
# 
loop_
_pdbx_nonpoly_scheme.asym_id 
_pdbx_nonpoly_scheme.entity_id 
_pdbx_nonpoly_scheme.mon_id 
_pdbx_nonpoly_scheme.ndb_seq_num 
_pdbx_nonpoly_scheme.pdb_seq_num 
_pdbx_nonpoly_scheme.auth_seq_num 
_pdbx_nonpoly_scheme.pdb_mon_id 
_pdbx_nonpoly_scheme.auth_mon_id 
_pdbx_nonpoly_scheme.pdb_strand_id 
_pdbx_nonpoly_scheme.pdb_ins_code 
B 2 SO4 1  100 1  SO4 SO4 A . 
C 2 SO4 1  101 2  SO4 SO4 A . 
D 3 GOL 1  102 1  GOL GOL A . 
E 4 HOH 1  103 1  HOH HOH A . 
E 4 HOH 2  104 2  HOH HOH A . 
E 4 HOH 3  105 3  HOH HOH A . 
E 4 HOH 4  106 5  HOH HOH A . 
E 4 HOH 5  107 6  HOH HOH A . 
E 4 HOH 6  108 7  HOH HOH A . 
E 4 HOH 7  109 8  HOH HOH A . 
E 4 HOH 8  110 9  HOH HOH A . 
E 4 HOH 9  111 10 HOH HOH A . 
E 4 HOH 10 112 11 HOH HOH A . 
E 4 HOH 11 113 12 HOH HOH A . 
E 4 HOH 12 114 13 HOH HOH A . 
E 4 HOH 13 115 15 HOH HOH A . 
E 4 HOH 14 116 16 HOH HOH A . 
E 4 HOH 15 117 17 HOH HOH A . 
E 4 HOH 16 118 18 HOH HOH A . 
E 4 HOH 17 119 20 HOH HOH A . 
E 4 HOH 18 120 21 HOH HOH A . 
E 4 HOH 19 121 22 HOH HOH A . 
E 4 HOH 20 122 23 HOH HOH A . 
E 4 HOH 21 123 24 HOH HOH A . 
E 4 HOH 22 124 27 HOH HOH A . 
E 4 HOH 23 125 28 HOH HOH A . 
E 4 HOH 24 126 29 HOH HOH A . 
E 4 HOH 25 127 30 HOH HOH A . 
E 4 HOH 26 128 33 HOH HOH A . 
E 4 HOH 27 129 35 HOH HOH A . 
E 4 HOH 28 130 36 HOH HOH A . 
E 4 HOH 29 131 37 HOH HOH A . 
E 4 HOH 30 132 38 HOH HOH A . 
E 4 HOH 31 133 40 HOH HOH A . 
E 4 HOH 32 134 43 HOH HOH A . 
E 4 HOH 33 135 44 HOH HOH A . 
E 4 HOH 34 136 45 HOH HOH A . 
E 4 HOH 35 137 46 HOH HOH A . 
E 4 HOH 36 138 47 HOH HOH A . 
E 4 HOH 37 139 48 HOH HOH A . 
E 4 HOH 38 140 49 HOH HOH A . 
E 4 HOH 39 141 50 HOH HOH A . 
E 4 HOH 40 142 51 HOH HOH A . 
# 
_pdbx_struct_assembly.id                   1 
_pdbx_struct_assembly.details              author_and_software_defined_assembly 
_pdbx_struct_assembly.method_details       PISA 
_pdbx_struct_assembly.oligomeric_details   hexameric 
_pdbx_struct_assembly.oligomeric_count     6 
# 
_pdbx_struct_assembly_gen.assembly_id       1 
_pdbx_struct_assembly_gen.oper_expression   1,2,3,4,5,6 
_pdbx_struct_assembly_gen.asym_id_list      A,B,C,D,E 
# 
loop_
_pdbx_struct_assembly_prop.biol_id 
_pdbx_struct_assembly_prop.type 
_pdbx_struct_assembly_prop.value 
_pdbx_struct_assembly_prop.details 
1 'ABSA (A^2)' 12940 ? 
1 MORE         -182  ? 
1 'SSA (A^2)'  19320 ? 
# 
loop_
_pdbx_struct_oper_list.id 
_pdbx_struct_oper_list.type 
_pdbx_struct_oper_list.name 
_pdbx_struct_oper_list.symmetry_operation 
_pdbx_struct_oper_list.matrix[1][1] 
_pdbx_struct_oper_list.matrix[1][2] 
_pdbx_struct_oper_list.matrix[1][3] 
_pdbx_struct_oper_list.vector[1] 
_pdbx_struct_oper_list.matrix[2][1] 
_pdbx_struct_oper_list.matrix[2][2] 
_pdbx_struct_oper_list.matrix[2][3] 
_pdbx_struct_oper_list.vector[2] 
_pdbx_struct_oper_list.matrix[3][1] 
_pdbx_struct_oper_list.matrix[3][2] 
_pdbx_struct_oper_list.matrix[3][3] 
_pdbx_struct_oper_list.vector[3] 
1 'identity operation'         1_555 x,y,z     1.0000000000  0.0000000000  0.0000000000  0.0000000000   0.0000000000  1.0000000000  0.0000000000  0.0000000000  0.0000000000  0.0000000000  1.0000000000  0.0000000000  
2 'crystal symmetry operation' 2_555 -y,x-y,z  -0.0819486782 -0.0571361132 0.9949974265  -22.3874364556 -0.9859252405 0.1506240566  -0.0725521445 6.3191033958  -0.1457252012 -0.9869386294 -0.0686753785 29.8012893783 
3 'crystal symmetry operation' 3_555 -x+y,-x,z -0.0819486782 -0.9859252405 -0.1457252012 8.7383416006   -0.0571361132 0.1506240566  -0.9869386294 27.1811036019 0.9949974265  -0.0725521445 -0.0686753785 24.7805209882 
4 'crystal symmetry operation' 4_555 -x,-y,z   -0.4425982376 -0.6953742358 0.5661814835  -9.0993965700  -0.6953742358 -0.1325012578 -0.7063271826 22.3334713318 0.5661814835  -0.7063271826 -0.4249005046 36.3878735777 
5 'crystal symmetry operation' 5_555 y,-x+y,z  0.6393504406  -0.6382381226 -0.4288159430 13.2880398856  0.2905510047  0.7168746855  -0.6337750381 16.0143679360 0.7119066847  0.2806114468  0.6437748738  6.5865841993  
6 'crystal symmetry operation' 6_555 x-y,x,z   0.6393504406  0.2905510047  0.7119066847  -17.8377381706 -0.6382381226 0.7168746855  0.2806114468  -4.8476322701 -0.4288159430 -0.6337750381 0.6437748738  11.6073525895 
# 
_pdbx_struct_special_symmetry.id              1 
_pdbx_struct_special_symmetry.PDB_model_num   1 
_pdbx_struct_special_symmetry.auth_asym_id    A 
_pdbx_struct_special_symmetry.auth_comp_id    SO4 
_pdbx_struct_special_symmetry.auth_seq_id     100 
_pdbx_struct_special_symmetry.PDB_ins_code    ? 
_pdbx_struct_special_symmetry.label_asym_id   B 
_pdbx_struct_special_symmetry.label_comp_id   SO4 
_pdbx_struct_special_symmetry.label_seq_id    . 
# 
loop_
_pdbx_audit_revision_history.ordinal 
_pdbx_audit_revision_history.data_content_type 
_pdbx_audit_revision_history.major_revision 
_pdbx_audit_revision_history.minor_revision 
_pdbx_audit_revision_history.revision_date 
1 'Structure model' 1 0 2009-01-20 
2 'Structure model' 1 1 2011-07-13 
3 'Structure model' 1 2 2017-10-25 
4 'Structure model' 1 3 2023-08-30 
# 
_pdbx_audit_revision_details.ordinal             1 
_pdbx_audit_revision_details.revision_ordinal    1 
_pdbx_audit_revision_details.data_content_type   'Structure model' 
_pdbx_audit_revision_details.provider            repository 
_pdbx_audit_revision_details.type                'Initial release' 
_pdbx_audit_revision_details.description         ? 
_pdbx_audit_revision_details.details             ? 
# 
loop_
_pdbx_audit_revision_group.ordinal 
_pdbx_audit_revision_group.revision_ordinal 
_pdbx_audit_revision_group.data_content_type 
_pdbx_audit_revision_group.group 
1 2 'Structure model' Advisory                    
2 2 'Structure model' 'Version format compliance' 
3 3 'Structure model' 'Refinement description'    
4 4 'Structure model' 'Data collection'           
5 4 'Structure model' 'Database references'       
6 4 'Structure model' 'Derived calculations'      
7 4 'Structure model' 'Refinement description'    
# 
loop_
_pdbx_audit_revision_category.ordinal 
_pdbx_audit_revision_category.revision_ordinal 
_pdbx_audit_revision_category.data_content_type 
_pdbx_audit_revision_category.category 
1 3 'Structure model' software                      
2 4 'Structure model' chem_comp_atom                
3 4 'Structure model' chem_comp_bond                
4 4 'Structure model' database_2                    
5 4 'Structure model' pdbx_initial_refinement_model 
6 4 'Structure model' struct_ref_seq_dif            
7 4 'Structure model' struct_site                   
# 
loop_
_pdbx_audit_revision_item.ordinal 
_pdbx_audit_revision_item.revision_ordinal 
_pdbx_audit_revision_item.data_content_type 
_pdbx_audit_revision_item.item 
1 4 'Structure model' '_database_2.pdbx_DOI'                
2 4 'Structure model' '_database_2.pdbx_database_accession' 
3 4 'Structure model' '_struct_ref_seq_dif.details'         
4 4 'Structure model' '_struct_site.pdbx_auth_asym_id'      
5 4 'Structure model' '_struct_site.pdbx_auth_comp_id'      
6 4 'Structure model' '_struct_site.pdbx_auth_seq_id'       
# 
_pdbx_refine_tls.id               1 
_pdbx_refine_tls.details          ? 
_pdbx_refine_tls.method           refined 
_pdbx_refine_tls.origin_x         0.6524 
_pdbx_refine_tls.origin_y         0.3407 
_pdbx_refine_tls.origin_z         0.4435 
_pdbx_refine_tls.T[1][1]          -0.2435 
_pdbx_refine_tls.T[2][2]          -0.2782 
_pdbx_refine_tls.T[3][3]          -0.2332 
_pdbx_refine_tls.T[1][2]          0.0155 
_pdbx_refine_tls.T[1][3]          -0.0450 
_pdbx_refine_tls.T[2][3]          0.0136 
_pdbx_refine_tls.L[1][1]          1.9382 
_pdbx_refine_tls.L[2][2]          1.1896 
_pdbx_refine_tls.L[3][3]          0.8786 
_pdbx_refine_tls.L[1][2]          0.9014 
_pdbx_refine_tls.L[1][3]          -0.8328 
_pdbx_refine_tls.L[2][3]          0.2461 
_pdbx_refine_tls.S[1][1]          0.1116 
_pdbx_refine_tls.S[2][2]          -0.0557 
_pdbx_refine_tls.S[3][3]          -0.0559 
_pdbx_refine_tls.S[1][2]          0.0368 
_pdbx_refine_tls.S[1][3]          0.0465 
_pdbx_refine_tls.S[2][3]          0.0139 
_pdbx_refine_tls.S[2][1]          -0.0563 
_pdbx_refine_tls.S[3][1]          -0.0556 
_pdbx_refine_tls.S[3][2]          -0.0389 
_pdbx_refine_tls.pdbx_refine_id   'X-RAY DIFFRACTION' 
# 
_pdbx_refine_tls_group.id                  1 
_pdbx_refine_tls_group.refine_tls_id       1 
_pdbx_refine_tls_group.beg_auth_asym_id    A 
_pdbx_refine_tls_group.end_auth_asym_id    A 
_pdbx_refine_tls_group.end_auth_seq_id     92 
_pdbx_refine_tls_group.selection           ? 
_pdbx_refine_tls_group.beg_auth_seq_id     2 
_pdbx_refine_tls_group.beg_label_asym_id   . 
_pdbx_refine_tls_group.beg_label_seq_id    . 
_pdbx_refine_tls_group.end_label_asym_id   . 
_pdbx_refine_tls_group.end_label_seq_id    . 
_pdbx_refine_tls_group.pdbx_refine_id      'X-RAY DIFFRACTION' 
_pdbx_refine_tls_group.selection_details   ? 
# 
_pdbx_phasing_MR.entry_id                     3DNC 
_pdbx_phasing_MR.method_rotation              ? 
_pdbx_phasing_MR.method_translation           ? 
_pdbx_phasing_MR.model_details                'Phaser MODE: MR_AUTO' 
_pdbx_phasing_MR.R_factor                     ? 
_pdbx_phasing_MR.R_rigid_body                 ? 
_pdbx_phasing_MR.correlation_coeff_Fo_to_Fc   ? 
_pdbx_phasing_MR.correlation_coeff_Io_to_Ic   ? 
_pdbx_phasing_MR.d_res_high_rotation          ? 
_pdbx_phasing_MR.d_res_low_rotation           ? 
_pdbx_phasing_MR.d_res_high_translation       ? 
_pdbx_phasing_MR.d_res_low_translation        ? 
_pdbx_phasing_MR.packing                      ? 
_pdbx_phasing_MR.reflns_percent_rotation      ? 
_pdbx_phasing_MR.reflns_percent_translation   ? 
_pdbx_phasing_MR.sigma_F_rotation             ? 
_pdbx_phasing_MR.sigma_F_translation          ? 
_pdbx_phasing_MR.sigma_I_rotation             ? 
_pdbx_phasing_MR.sigma_I_translation          ? 
# 
_phasing.method   MR 
# 
loop_
_software.name 
_software.version 
_software.date 
_software.type 
_software.contact_author 
_software.contact_author_email 
_software.classification 
_software.location 
_software.language 
_software.citation_id 
_software.pdbx_ordinal 
DENZO       .     ?               package 'Zbyszek Otwinowski' hkl@hkl-xray.com            'data reduction'  
http://www.hkl-xray.com/                     ?          ? 1 
SCALEPACK   .     ?               package 'Zbyszek Otwinowski' hkl@hkl-xray.com            'data scaling'    
http://www.hkl-xray.com/                     ?          ? 2 
PHASER      .     ?               program 'Randy J. Read'      cimr-phaser@lists.cam.ac.uk phasing           
http://www-structmed.cimr.cam.ac.uk/phaser/  ?          ? 3 
REFMAC      .     ?               program 'Garib N. Murshudov' garib@ysbl.york.ac.uk       refinement        
http://www.ccp4.ac.uk/dist/html/refmac5.html Fortran_77 ? 4 
PDB_EXTRACT 3.006 'June 11, 2008' package PDB                  help@deposit.rcsb.org       'data extraction' 
http://sw-tools.pdb.org/apps/PDB_EXTRACT/    C++        ? 5 
# 
loop_
_pdbx_unobs_or_zero_occ_residues.id 
_pdbx_unobs_or_zero_occ_residues.PDB_model_num 
_pdbx_unobs_or_zero_occ_residues.polymer_flag 
_pdbx_unobs_or_zero_occ_residues.occupancy_flag 
_pdbx_unobs_or_zero_occ_residues.auth_asym_id 
_pdbx_unobs_or_zero_occ_residues.auth_comp_id 
_pdbx_unobs_or_zero_occ_residues.auth_seq_id 
_pdbx_unobs_or_zero_occ_residues.PDB_ins_code 
_pdbx_unobs_or_zero_occ_residues.label_asym_id 
_pdbx_unobs_or_zero_occ_residues.label_comp_id 
_pdbx_unobs_or_zero_occ_residues.label_seq_id 
1 1 Y 1 A MET 1  ? A MET 1  
2 1 Y 1 A SER 2  ? A SER 2  
3 1 Y 1 A GLU 93 ? A GLU 93 
4 1 Y 1 A HIS 94 ? A HIS 94 
5 1 Y 1 A HIS 95 ? A HIS 95 
6 1 Y 1 A HIS 96 ? A HIS 96 
7 1 Y 1 A HIS 97 ? A HIS 97 
8 1 Y 1 A HIS 98 ? A HIS 98 
9 1 Y 1 A HIS 99 ? A HIS 99 
# 
loop_
_chem_comp_atom.comp_id 
_chem_comp_atom.atom_id 
_chem_comp_atom.type_symbol 
_chem_comp_atom.pdbx_aromatic_flag 
_chem_comp_atom.pdbx_stereo_config 
_chem_comp_atom.pdbx_ordinal 
ALA N    N N N 1   
ALA CA   C N S 2   
ALA C    C N N 3   
ALA O    O N N 4   
ALA CB   C N N 5   
ALA OXT  O N N 6   
ALA H    H N N 7   
ALA H2   H N N 8   
ALA HA   H N N 9   
ALA HB1  H N N 10  
ALA HB2  H N N 11  
ALA HB3  H N N 12  
ALA HXT  H N N 13  
ARG N    N N N 14  
ARG CA   C N S 15  
ARG C    C N N 16  
ARG O    O N N 17  
ARG CB   C N N 18  
ARG CG   C N N 19  
ARG CD   C N N 20  
ARG NE   N N N 21  
ARG CZ   C N N 22  
ARG NH1  N N N 23  
ARG NH2  N N N 24  
ARG OXT  O N N 25  
ARG H    H N N 26  
ARG H2   H N N 27  
ARG HA   H N N 28  
ARG HB2  H N N 29  
ARG HB3  H N N 30  
ARG HG2  H N N 31  
ARG HG3  H N N 32  
ARG HD2  H N N 33  
ARG HD3  H N N 34  
ARG HE   H N N 35  
ARG HH11 H N N 36  
ARG HH12 H N N 37  
ARG HH21 H N N 38  
ARG HH22 H N N 39  
ARG HXT  H N N 40  
ASN N    N N N 41  
ASN CA   C N S 42  
ASN C    C N N 43  
ASN O    O N N 44  
ASN CB   C N N 45  
ASN CG   C N N 46  
ASN OD1  O N N 47  
ASN ND2  N N N 48  
ASN OXT  O N N 49  
ASN H    H N N 50  
ASN H2   H N N 51  
ASN HA   H N N 52  
ASN HB2  H N N 53  
ASN HB3  H N N 54  
ASN HD21 H N N 55  
ASN HD22 H N N 56  
ASN HXT  H N N 57  
ASP N    N N N 58  
ASP CA   C N S 59  
ASP C    C N N 60  
ASP O    O N N 61  
ASP CB   C N N 62  
ASP CG   C N N 63  
ASP OD1  O N N 64  
ASP OD2  O N N 65  
ASP OXT  O N N 66  
ASP H    H N N 67  
ASP H2   H N N 68  
ASP HA   H N N 69  
ASP HB2  H N N 70  
ASP HB3  H N N 71  
ASP HD2  H N N 72  
ASP HXT  H N N 73  
GLN N    N N N 74  
GLN CA   C N S 75  
GLN C    C N N 76  
GLN O    O N N 77  
GLN CB   C N N 78  
GLN CG   C N N 79  
GLN CD   C N N 80  
GLN OE1  O N N 81  
GLN NE2  N N N 82  
GLN OXT  O N N 83  
GLN H    H N N 84  
GLN H2   H N N 85  
GLN HA   H N N 86  
GLN HB2  H N N 87  
GLN HB3  H N N 88  
GLN HG2  H N N 89  
GLN HG3  H N N 90  
GLN HE21 H N N 91  
GLN HE22 H N N 92  
GLN HXT  H N N 93  
GLU N    N N N 94  
GLU CA   C N S 95  
GLU C    C N N 96  
GLU O    O N N 97  
GLU CB   C N N 98  
GLU CG   C N N 99  
GLU CD   C N N 100 
GLU OE1  O N N 101 
GLU OE2  O N N 102 
GLU OXT  O N N 103 
GLU H    H N N 104 
GLU H2   H N N 105 
GLU HA   H N N 106 
GLU HB2  H N N 107 
GLU HB3  H N N 108 
GLU HG2  H N N 109 
GLU HG3  H N N 110 
GLU HE2  H N N 111 
GLU HXT  H N N 112 
GLY N    N N N 113 
GLY CA   C N N 114 
GLY C    C N N 115 
GLY O    O N N 116 
GLY OXT  O N N 117 
GLY H    H N N 118 
GLY H2   H N N 119 
GLY HA2  H N N 120 
GLY HA3  H N N 121 
GLY HXT  H N N 122 
GOL C1   C N N 123 
GOL O1   O N N 124 
GOL C2   C N N 125 
GOL O2   O N N 126 
GOL C3   C N N 127 
GOL O3   O N N 128 
GOL H11  H N N 129 
GOL H12  H N N 130 
GOL HO1  H N N 131 
GOL H2   H N N 132 
GOL HO2  H N N 133 
GOL H31  H N N 134 
GOL H32  H N N 135 
GOL HO3  H N N 136 
HIS N    N N N 137 
HIS CA   C N S 138 
HIS C    C N N 139 
HIS O    O N N 140 
HIS CB   C N N 141 
HIS CG   C Y N 142 
HIS ND1  N Y N 143 
HIS CD2  C Y N 144 
HIS CE1  C Y N 145 
HIS NE2  N Y N 146 
HIS OXT  O N N 147 
HIS H    H N N 148 
HIS H2   H N N 149 
HIS HA   H N N 150 
HIS HB2  H N N 151 
HIS HB3  H N N 152 
HIS HD1  H N N 153 
HIS HD2  H N N 154 
HIS HE1  H N N 155 
HIS HE2  H N N 156 
HIS HXT  H N N 157 
HOH O    O N N 158 
HOH H1   H N N 159 
HOH H2   H N N 160 
ILE N    N N N 161 
ILE CA   C N S 162 
ILE C    C N N 163 
ILE O    O N N 164 
ILE CB   C N S 165 
ILE CG1  C N N 166 
ILE CG2  C N N 167 
ILE CD1  C N N 168 
ILE OXT  O N N 169 
ILE H    H N N 170 
ILE H2   H N N 171 
ILE HA   H N N 172 
ILE HB   H N N 173 
ILE HG12 H N N 174 
ILE HG13 H N N 175 
ILE HG21 H N N 176 
ILE HG22 H N N 177 
ILE HG23 H N N 178 
ILE HD11 H N N 179 
ILE HD12 H N N 180 
ILE HD13 H N N 181 
ILE HXT  H N N 182 
LEU N    N N N 183 
LEU CA   C N S 184 
LEU C    C N N 185 
LEU O    O N N 186 
LEU CB   C N N 187 
LEU CG   C N N 188 
LEU CD1  C N N 189 
LEU CD2  C N N 190 
LEU OXT  O N N 191 
LEU H    H N N 192 
LEU H2   H N N 193 
LEU HA   H N N 194 
LEU HB2  H N N 195 
LEU HB3  H N N 196 
LEU HG   H N N 197 
LEU HD11 H N N 198 
LEU HD12 H N N 199 
LEU HD13 H N N 200 
LEU HD21 H N N 201 
LEU HD22 H N N 202 
LEU HD23 H N N 203 
LEU HXT  H N N 204 
LYS N    N N N 205 
LYS CA   C N S 206 
LYS C    C N N 207 
LYS O    O N N 208 
LYS CB   C N N 209 
LYS CG   C N N 210 
LYS CD   C N N 211 
LYS CE   C N N 212 
LYS NZ   N N N 213 
LYS OXT  O N N 214 
LYS H    H N N 215 
LYS H2   H N N 216 
LYS HA   H N N 217 
LYS HB2  H N N 218 
LYS HB3  H N N 219 
LYS HG2  H N N 220 
LYS HG3  H N N 221 
LYS HD2  H N N 222 
LYS HD3  H N N 223 
LYS HE2  H N N 224 
LYS HE3  H N N 225 
LYS HZ1  H N N 226 
LYS HZ2  H N N 227 
LYS HZ3  H N N 228 
LYS HXT  H N N 229 
MET N    N N N 230 
MET CA   C N S 231 
MET C    C N N 232 
MET O    O N N 233 
MET CB   C N N 234 
MET CG   C N N 235 
MET SD   S N N 236 
MET CE   C N N 237 
MET OXT  O N N 238 
MET H    H N N 239 
MET H2   H N N 240 
MET HA   H N N 241 
MET HB2  H N N 242 
MET HB3  H N N 243 
MET HG2  H N N 244 
MET HG3  H N N 245 
MET HE1  H N N 246 
MET HE2  H N N 247 
MET HE3  H N N 248 
MET HXT  H N N 249 
PHE N    N N N 250 
PHE CA   C N S 251 
PHE C    C N N 252 
PHE O    O N N 253 
PHE CB   C N N 254 
PHE CG   C Y N 255 
PHE CD1  C Y N 256 
PHE CD2  C Y N 257 
PHE CE1  C Y N 258 
PHE CE2  C Y N 259 
PHE CZ   C Y N 260 
PHE OXT  O N N 261 
PHE H    H N N 262 
PHE H2   H N N 263 
PHE HA   H N N 264 
PHE HB2  H N N 265 
PHE HB3  H N N 266 
PHE HD1  H N N 267 
PHE HD2  H N N 268 
PHE HE1  H N N 269 
PHE HE2  H N N 270 
PHE HZ   H N N 271 
PHE HXT  H N N 272 
PRO N    N N N 273 
PRO CA   C N S 274 
PRO C    C N N 275 
PRO O    O N N 276 
PRO CB   C N N 277 
PRO CG   C N N 278 
PRO CD   C N N 279 
PRO OXT  O N N 280 
PRO H    H N N 281 
PRO HA   H N N 282 
PRO HB2  H N N 283 
PRO HB3  H N N 284 
PRO HG2  H N N 285 
PRO HG3  H N N 286 
PRO HD2  H N N 287 
PRO HD3  H N N 288 
PRO HXT  H N N 289 
SER N    N N N 290 
SER CA   C N S 291 
SER C    C N N 292 
SER O    O N N 293 
SER CB   C N N 294 
SER OG   O N N 295 
SER OXT  O N N 296 
SER H    H N N 297 
SER H2   H N N 298 
SER HA   H N N 299 
SER HB2  H N N 300 
SER HB3  H N N 301 
SER HG   H N N 302 
SER HXT  H N N 303 
SO4 S    S N N 304 
SO4 O1   O N N 305 
SO4 O2   O N N 306 
SO4 O3   O N N 307 
SO4 O4   O N N 308 
THR N    N N N 309 
THR CA   C N S 310 
THR C    C N N 311 
THR O    O N N 312 
THR CB   C N R 313 
THR OG1  O N N 314 
THR CG2  C N N 315 
THR OXT  O N N 316 
THR H    H N N 317 
THR H2   H N N 318 
THR HA   H N N 319 
THR HB   H N N 320 
THR HG1  H N N 321 
THR HG21 H N N 322 
THR HG22 H N N 323 
THR HG23 H N N 324 
THR HXT  H N N 325 
TYR N    N N N 326 
TYR CA   C N S 327 
TYR C    C N N 328 
TYR O    O N N 329 
TYR CB   C N N 330 
TYR CG   C Y N 331 
TYR CD1  C Y N 332 
TYR CD2  C Y N 333 
TYR CE1  C Y N 334 
TYR CE2  C Y N 335 
TYR CZ   C Y N 336 
TYR OH   O N N 337 
TYR OXT  O N N 338 
TYR H    H N N 339 
TYR H2   H N N 340 
TYR HA   H N N 341 
TYR HB2  H N N 342 
TYR HB3  H N N 343 
TYR HD1  H N N 344 
TYR HD2  H N N 345 
TYR HE1  H N N 346 
TYR HE2  H N N 347 
TYR HH   H N N 348 
TYR HXT  H N N 349 
VAL N    N N N 350 
VAL CA   C N S 351 
VAL C    C N N 352 
VAL O    O N N 353 
VAL CB   C N N 354 
VAL CG1  C N N 355 
VAL CG2  C N N 356 
VAL OXT  O N N 357 
VAL H    H N N 358 
VAL H2   H N N 359 
VAL HA   H N N 360 
VAL HB   H N N 361 
VAL HG11 H N N 362 
VAL HG12 H N N 363 
VAL HG13 H N N 364 
VAL HG21 H N N 365 
VAL HG22 H N N 366 
VAL HG23 H N N 367 
VAL HXT  H N N 368 
# 
loop_
_chem_comp_bond.comp_id 
_chem_comp_bond.atom_id_1 
_chem_comp_bond.atom_id_2 
_chem_comp_bond.value_order 
_chem_comp_bond.pdbx_aromatic_flag 
_chem_comp_bond.pdbx_stereo_config 
_chem_comp_bond.pdbx_ordinal 
ALA N   CA   sing N N 1   
ALA N   H    sing N N 2   
ALA N   H2   sing N N 3   
ALA CA  C    sing N N 4   
ALA CA  CB   sing N N 5   
ALA CA  HA   sing N N 6   
ALA C   O    doub N N 7   
ALA C   OXT  sing N N 8   
ALA CB  HB1  sing N N 9   
ALA CB  HB2  sing N N 10  
ALA CB  HB3  sing N N 11  
ALA OXT HXT  sing N N 12  
ARG N   CA   sing N N 13  
ARG N   H    sing N N 14  
ARG N   H2   sing N N 15  
ARG CA  C    sing N N 16  
ARG CA  CB   sing N N 17  
ARG CA  HA   sing N N 18  
ARG C   O    doub N N 19  
ARG C   OXT  sing N N 20  
ARG CB  CG   sing N N 21  
ARG CB  HB2  sing N N 22  
ARG CB  HB3  sing N N 23  
ARG CG  CD   sing N N 24  
ARG CG  HG2  sing N N 25  
ARG CG  HG3  sing N N 26  
ARG CD  NE   sing N N 27  
ARG CD  HD2  sing N N 28  
ARG CD  HD3  sing N N 29  
ARG NE  CZ   sing N N 30  
ARG NE  HE   sing N N 31  
ARG CZ  NH1  sing N N 32  
ARG CZ  NH2  doub N N 33  
ARG NH1 HH11 sing N N 34  
ARG NH1 HH12 sing N N 35  
ARG NH2 HH21 sing N N 36  
ARG NH2 HH22 sing N N 37  
ARG OXT HXT  sing N N 38  
ASN N   CA   sing N N 39  
ASN N   H    sing N N 40  
ASN N   H2   sing N N 41  
ASN CA  C    sing N N 42  
ASN CA  CB   sing N N 43  
ASN CA  HA   sing N N 44  
ASN C   O    doub N N 45  
ASN C   OXT  sing N N 46  
ASN CB  CG   sing N N 47  
ASN CB  HB2  sing N N 48  
ASN CB  HB3  sing N N 49  
ASN CG  OD1  doub N N 50  
ASN CG  ND2  sing N N 51  
ASN ND2 HD21 sing N N 52  
ASN ND2 HD22 sing N N 53  
ASN OXT HXT  sing N N 54  
ASP N   CA   sing N N 55  
ASP N   H    sing N N 56  
ASP N   H2   sing N N 57  
ASP CA  C    sing N N 58  
ASP CA  CB   sing N N 59  
ASP CA  HA   sing N N 60  
ASP C   O    doub N N 61  
ASP C   OXT  sing N N 62  
ASP CB  CG   sing N N 63  
ASP CB  HB2  sing N N 64  
ASP CB  HB3  sing N N 65  
ASP CG  OD1  doub N N 66  
ASP CG  OD2  sing N N 67  
ASP OD2 HD2  sing N N 68  
ASP OXT HXT  sing N N 69  
GLN N   CA   sing N N 70  
GLN N   H    sing N N 71  
GLN N   H2   sing N N 72  
GLN CA  C    sing N N 73  
GLN CA  CB   sing N N 74  
GLN CA  HA   sing N N 75  
GLN C   O    doub N N 76  
GLN C   OXT  sing N N 77  
GLN CB  CG   sing N N 78  
GLN CB  HB2  sing N N 79  
GLN CB  HB3  sing N N 80  
GLN CG  CD   sing N N 81  
GLN CG  HG2  sing N N 82  
GLN CG  HG3  sing N N 83  
GLN CD  OE1  doub N N 84  
GLN CD  NE2  sing N N 85  
GLN NE2 HE21 sing N N 86  
GLN NE2 HE22 sing N N 87  
GLN OXT HXT  sing N N 88  
GLU N   CA   sing N N 89  
GLU N   H    sing N N 90  
GLU N   H2   sing N N 91  
GLU CA  C    sing N N 92  
GLU CA  CB   sing N N 93  
GLU CA  HA   sing N N 94  
GLU C   O    doub N N 95  
GLU C   OXT  sing N N 96  
GLU CB  CG   sing N N 97  
GLU CB  HB2  sing N N 98  
GLU CB  HB3  sing N N 99  
GLU CG  CD   sing N N 100 
GLU CG  HG2  sing N N 101 
GLU CG  HG3  sing N N 102 
GLU CD  OE1  doub N N 103 
GLU CD  OE2  sing N N 104 
GLU OE2 HE2  sing N N 105 
GLU OXT HXT  sing N N 106 
GLY N   CA   sing N N 107 
GLY N   H    sing N N 108 
GLY N   H2   sing N N 109 
GLY CA  C    sing N N 110 
GLY CA  HA2  sing N N 111 
GLY CA  HA3  sing N N 112 
GLY C   O    doub N N 113 
GLY C   OXT  sing N N 114 
GLY OXT HXT  sing N N 115 
GOL C1  O1   sing N N 116 
GOL C1  C2   sing N N 117 
GOL C1  H11  sing N N 118 
GOL C1  H12  sing N N 119 
GOL O1  HO1  sing N N 120 
GOL C2  O2   sing N N 121 
GOL C2  C3   sing N N 122 
GOL C2  H2   sing N N 123 
GOL O2  HO2  sing N N 124 
GOL C3  O3   sing N N 125 
GOL C3  H31  sing N N 126 
GOL C3  H32  sing N N 127 
GOL O3  HO3  sing N N 128 
HIS N   CA   sing N N 129 
HIS N   H    sing N N 130 
HIS N   H2   sing N N 131 
HIS CA  C    sing N N 132 
HIS CA  CB   sing N N 133 
HIS CA  HA   sing N N 134 
HIS C   O    doub N N 135 
HIS C   OXT  sing N N 136 
HIS CB  CG   sing N N 137 
HIS CB  HB2  sing N N 138 
HIS CB  HB3  sing N N 139 
HIS CG  ND1  sing Y N 140 
HIS CG  CD2  doub Y N 141 
HIS ND1 CE1  doub Y N 142 
HIS ND1 HD1  sing N N 143 
HIS CD2 NE2  sing Y N 144 
HIS CD2 HD2  sing N N 145 
HIS CE1 NE2  sing Y N 146 
HIS CE1 HE1  sing N N 147 
HIS NE2 HE2  sing N N 148 
HIS OXT HXT  sing N N 149 
HOH O   H1   sing N N 150 
HOH O   H2   sing N N 151 
ILE N   CA   sing N N 152 
ILE N   H    sing N N 153 
ILE N   H2   sing N N 154 
ILE CA  C    sing N N 155 
ILE CA  CB   sing N N 156 
ILE CA  HA   sing N N 157 
ILE C   O    doub N N 158 
ILE C   OXT  sing N N 159 
ILE CB  CG1  sing N N 160 
ILE CB  CG2  sing N N 161 
ILE CB  HB   sing N N 162 
ILE CG1 CD1  sing N N 163 
ILE CG1 HG12 sing N N 164 
ILE CG1 HG13 sing N N 165 
ILE CG2 HG21 sing N N 166 
ILE CG2 HG22 sing N N 167 
ILE CG2 HG23 sing N N 168 
ILE CD1 HD11 sing N N 169 
ILE CD1 HD12 sing N N 170 
ILE CD1 HD13 sing N N 171 
ILE OXT HXT  sing N N 172 
LEU N   CA   sing N N 173 
LEU N   H    sing N N 174 
LEU N   H2   sing N N 175 
LEU CA  C    sing N N 176 
LEU CA  CB   sing N N 177 
LEU CA  HA   sing N N 178 
LEU C   O    doub N N 179 
LEU C   OXT  sing N N 180 
LEU CB  CG   sing N N 181 
LEU CB  HB2  sing N N 182 
LEU CB  HB3  sing N N 183 
LEU CG  CD1  sing N N 184 
LEU CG  CD2  sing N N 185 
LEU CG  HG   sing N N 186 
LEU CD1 HD11 sing N N 187 
LEU CD1 HD12 sing N N 188 
LEU CD1 HD13 sing N N 189 
LEU CD2 HD21 sing N N 190 
LEU CD2 HD22 sing N N 191 
LEU CD2 HD23 sing N N 192 
LEU OXT HXT  sing N N 193 
LYS N   CA   sing N N 194 
LYS N   H    sing N N 195 
LYS N   H2   sing N N 196 
LYS CA  C    sing N N 197 
LYS CA  CB   sing N N 198 
LYS CA  HA   sing N N 199 
LYS C   O    doub N N 200 
LYS C   OXT  sing N N 201 
LYS CB  CG   sing N N 202 
LYS CB  HB2  sing N N 203 
LYS CB  HB3  sing N N 204 
LYS CG  CD   sing N N 205 
LYS CG  HG2  sing N N 206 
LYS CG  HG3  sing N N 207 
LYS CD  CE   sing N N 208 
LYS CD  HD2  sing N N 209 
LYS CD  HD3  sing N N 210 
LYS CE  NZ   sing N N 211 
LYS CE  HE2  sing N N 212 
LYS CE  HE3  sing N N 213 
LYS NZ  HZ1  sing N N 214 
LYS NZ  HZ2  sing N N 215 
LYS NZ  HZ3  sing N N 216 
LYS OXT HXT  sing N N 217 
MET N   CA   sing N N 218 
MET N   H    sing N N 219 
MET N   H2   sing N N 220 
MET CA  C    sing N N 221 
MET CA  CB   sing N N 222 
MET CA  HA   sing N N 223 
MET C   O    doub N N 224 
MET C   OXT  sing N N 225 
MET CB  CG   sing N N 226 
MET CB  HB2  sing N N 227 
MET CB  HB3  sing N N 228 
MET CG  SD   sing N N 229 
MET CG  HG2  sing N N 230 
MET CG  HG3  sing N N 231 
MET SD  CE   sing N N 232 
MET CE  HE1  sing N N 233 
MET CE  HE2  sing N N 234 
MET CE  HE3  sing N N 235 
MET OXT HXT  sing N N 236 
PHE N   CA   sing N N 237 
PHE N   H    sing N N 238 
PHE N   H2   sing N N 239 
PHE CA  C    sing N N 240 
PHE CA  CB   sing N N 241 
PHE CA  HA   sing N N 242 
PHE C   O    doub N N 243 
PHE C   OXT  sing N N 244 
PHE CB  CG   sing N N 245 
PHE CB  HB2  sing N N 246 
PHE CB  HB3  sing N N 247 
PHE CG  CD1  doub Y N 248 
PHE CG  CD2  sing Y N 249 
PHE CD1 CE1  sing Y N 250 
PHE CD1 HD1  sing N N 251 
PHE CD2 CE2  doub Y N 252 
PHE CD2 HD2  sing N N 253 
PHE CE1 CZ   doub Y N 254 
PHE CE1 HE1  sing N N 255 
PHE CE2 CZ   sing Y N 256 
PHE CE2 HE2  sing N N 257 
PHE CZ  HZ   sing N N 258 
PHE OXT HXT  sing N N 259 
PRO N   CA   sing N N 260 
PRO N   CD   sing N N 261 
PRO N   H    sing N N 262 
PRO CA  C    sing N N 263 
PRO CA  CB   sing N N 264 
PRO CA  HA   sing N N 265 
PRO C   O    doub N N 266 
PRO C   OXT  sing N N 267 
PRO CB  CG   sing N N 268 
PRO CB  HB2  sing N N 269 
PRO CB  HB3  sing N N 270 
PRO CG  CD   sing N N 271 
PRO CG  HG2  sing N N 272 
PRO CG  HG3  sing N N 273 
PRO CD  HD2  sing N N 274 
PRO CD  HD3  sing N N 275 
PRO OXT HXT  sing N N 276 
SER N   CA   sing N N 277 
SER N   H    sing N N 278 
SER N   H2   sing N N 279 
SER CA  C    sing N N 280 
SER CA  CB   sing N N 281 
SER CA  HA   sing N N 282 
SER C   O    doub N N 283 
SER C   OXT  sing N N 284 
SER CB  OG   sing N N 285 
SER CB  HB2  sing N N 286 
SER CB  HB3  sing N N 287 
SER OG  HG   sing N N 288 
SER OXT HXT  sing N N 289 
SO4 S   O1   doub N N 290 
SO4 S   O2   doub N N 291 
SO4 S   O3   sing N N 292 
SO4 S   O4   sing N N 293 
THR N   CA   sing N N 294 
THR N   H    sing N N 295 
THR N   H2   sing N N 296 
THR CA  C    sing N N 297 
THR CA  CB   sing N N 298 
THR CA  HA   sing N N 299 
THR C   O    doub N N 300 
THR C   OXT  sing N N 301 
THR CB  OG1  sing N N 302 
THR CB  CG2  sing N N 303 
THR CB  HB   sing N N 304 
THR OG1 HG1  sing N N 305 
THR CG2 HG21 sing N N 306 
THR CG2 HG22 sing N N 307 
THR CG2 HG23 sing N N 308 
THR OXT HXT  sing N N 309 
TYR N   CA   sing N N 310 
TYR N   H    sing N N 311 
TYR N   H2   sing N N 312 
TYR CA  C    sing N N 313 
TYR CA  CB   sing N N 314 
TYR CA  HA   sing N N 315 
TYR C   O    doub N N 316 
TYR C   OXT  sing N N 317 
TYR CB  CG   sing N N 318 
TYR CB  HB2  sing N N 319 
TYR CB  HB3  sing N N 320 
TYR CG  CD1  doub Y N 321 
TYR CG  CD2  sing Y N 322 
TYR CD1 CE1  sing Y N 323 
TYR CD1 HD1  sing N N 324 
TYR CD2 CE2  doub Y N 325 
TYR CD2 HD2  sing N N 326 
TYR CE1 CZ   doub Y N 327 
TYR CE1 HE1  sing N N 328 
TYR CE2 CZ   sing Y N 329 
TYR CE2 HE2  sing N N 330 
TYR CZ  OH   sing N N 331 
TYR OH  HH   sing N N 332 
TYR OXT HXT  sing N N 333 
VAL N   CA   sing N N 334 
VAL N   H    sing N N 335 
VAL N   H2   sing N N 336 
VAL CA  C    sing N N 337 
VAL CA  CB   sing N N 338 
VAL CA  HA   sing N N 339 
VAL C   O    doub N N 340 
VAL C   OXT  sing N N 341 
VAL CB  CG1  sing N N 342 
VAL CB  CG2  sing N N 343 
VAL CB  HB   sing N N 344 
VAL CG1 HG11 sing N N 345 
VAL CG1 HG12 sing N N 346 
VAL CG1 HG13 sing N N 347 
VAL CG2 HG21 sing N N 348 
VAL CG2 HG22 sing N N 349 
VAL CG2 HG23 sing N N 350 
VAL OXT HXT  sing N N 351 
# 
loop_
_pdbx_entity_nonpoly.entity_id 
_pdbx_entity_nonpoly.name 
_pdbx_entity_nonpoly.comp_id 
2 'SULFATE ION' SO4 
3 GLYCEROL      GOL 
4 water         HOH 
# 
_pdbx_initial_refinement_model.id               1 
_pdbx_initial_refinement_model.entity_id_list   ? 
_pdbx_initial_refinement_model.type             'experimental model' 
_pdbx_initial_refinement_model.source_name      PDB 
_pdbx_initial_refinement_model.accession_code   2A1B 
_pdbx_initial_refinement_model.details          'PDB entry 2A1B' 
# 
